data_6W9T
#
_entry.id   6W9T
#
_cell.length_a   97.328
_cell.length_b   119.150
_cell.length_c   127.763
_cell.angle_alpha   90.000
_cell.angle_beta   90.000
_cell.angle_gamma   90.000
#
_symmetry.space_group_name_H-M   'P 2 21 21'
#
loop_
_entity.id
_entity.type
_entity.pdbx_description
1 polymer 'ATP-dependent Clp protease proteolytic subunit'
2 non-polymer 'POTASSIUM ION'
3 non-polymer N-{2-[(2-chlorophenyl)sulfanyl]ethyl}-2-methyl-2-{[5-(trifluoromethyl)pyridin-2-yl]sulfonyl}propanamide
4 water water
#
_entity_poly.entity_id   1
_entity_poly.type   'polypeptide(L)'
_entity_poly.pdbx_seq_one_letter_code
;YLVPTVIEQSGRGERAFDIYSRLLKERIVFLVGPVTDESANLVVAQLLFLESENPDKDIFFYINSPGGSVTAGMSIYDTM
NFIKPDVSTLCLGQAASMGAFLLSAGEKGKRFALPNSRIMIHQPLISGGLGGQASDIEIHARELLKIKEKLNRLMAKHCD
RDLADLERDTDRDNFMSAEEAKEYGLIDQILENRASLRL
;
_entity_poly.pdbx_strand_id   A,B,C,D,E,F,G
#
# COMPACT_ATOMS: atom_id res chain seq x y z
N LEU A 2 -10.50 -2.71 1.55
CA LEU A 2 -11.72 -2.02 2.00
C LEU A 2 -12.96 -2.80 1.52
N VAL A 3 -12.84 -4.13 1.43
CA VAL A 3 -13.97 -5.00 1.11
C VAL A 3 -14.51 -5.62 2.39
N PRO A 4 -15.83 -5.74 2.56
CA PRO A 4 -16.35 -6.56 3.66
C PRO A 4 -16.24 -8.05 3.33
N THR A 5 -16.26 -8.85 4.40
CA THR A 5 -15.85 -10.26 4.34
C THR A 5 -16.97 -11.18 4.80
N VAL A 6 -17.30 -12.17 3.98
CA VAL A 6 -18.27 -13.18 4.36
C VAL A 6 -17.96 -14.51 3.69
N ASP A 18 -14.56 -12.26 0.78
CA ASP A 18 -14.99 -10.94 0.36
C ASP A 18 -16.30 -11.01 -0.45
N ILE A 19 -16.96 -9.86 -0.54
CA ILE A 19 -18.32 -9.83 -1.08
C ILE A 19 -18.33 -10.26 -2.54
N TYR A 20 -17.33 -9.85 -3.31
CA TYR A 20 -17.39 -10.17 -4.74
C TYR A 20 -17.10 -11.64 -4.96
N SER A 21 -16.23 -12.24 -4.14
CA SER A 21 -16.10 -13.68 -4.17
C SER A 21 -17.39 -14.38 -3.74
N ARG A 22 -18.07 -13.85 -2.73
CA ARG A 22 -19.32 -14.47 -2.32
C ARG A 22 -20.35 -14.44 -3.45
N LEU A 23 -20.42 -13.33 -4.19
CA LEU A 23 -21.37 -13.25 -5.28
C LEU A 23 -20.96 -14.06 -6.50
N LEU A 24 -19.66 -14.27 -6.71
CA LEU A 24 -19.19 -15.16 -7.77
C LEU A 24 -19.74 -16.58 -7.56
N LYS A 25 -20.07 -16.95 -6.32
CA LYS A 25 -20.69 -18.26 -6.07
C LYS A 25 -22.08 -18.36 -6.68
N GLU A 26 -22.78 -17.23 -6.80
CA GLU A 26 -24.06 -17.14 -7.48
C GLU A 26 -23.88 -16.86 -8.97
N ARG A 27 -22.64 -16.99 -9.47
CA ARG A 27 -22.29 -16.84 -10.88
C ARG A 27 -22.49 -15.41 -11.40
N ILE A 28 -22.33 -14.44 -10.50
CA ILE A 28 -22.36 -13.02 -10.81
C ILE A 28 -20.94 -12.50 -10.95
N VAL A 29 -20.69 -11.80 -12.09
CA VAL A 29 -19.41 -11.19 -12.45
C VAL A 29 -19.67 -9.71 -12.76
N PHE A 30 -18.84 -8.81 -12.22
CA PHE A 30 -19.00 -7.37 -12.42
C PHE A 30 -17.88 -6.83 -13.32
N LEU A 31 -18.26 -5.89 -14.19
CA LEU A 31 -17.33 -4.98 -14.86
C LEU A 31 -17.71 -3.59 -14.39
N VAL A 32 -16.85 -2.93 -13.63
CA VAL A 32 -17.12 -1.61 -13.05
C VAL A 32 -15.98 -0.66 -13.38
N GLY A 33 -16.32 0.49 -13.96
CA GLY A 33 -15.31 1.49 -14.29
C GLY A 33 -14.63 1.21 -15.60
N PRO A 34 -13.55 1.92 -15.89
CA PRO A 34 -12.87 1.78 -17.18
C PRO A 34 -12.37 0.35 -17.49
N VAL A 35 -12.52 -0.02 -18.75
CA VAL A 35 -12.02 -1.28 -19.30
C VAL A 35 -10.54 -1.12 -19.59
N THR A 36 -9.74 -1.84 -18.84
CA THR A 36 -8.28 -1.93 -19.01
C THR A 36 -7.88 -3.40 -19.20
N ASP A 37 -6.64 -3.62 -19.66
CA ASP A 37 -6.14 -5.00 -19.76
C ASP A 37 -6.36 -5.74 -18.42
N GLU A 38 -6.06 -5.09 -17.29
CA GLU A 38 -6.16 -5.78 -16.02
C GLU A 38 -7.61 -5.99 -15.63
N SER A 39 -8.47 -4.98 -15.81
CA SER A 39 -9.86 -5.17 -15.43
C SER A 39 -10.55 -6.15 -16.37
N ALA A 40 -10.21 -6.10 -17.66
CA ALA A 40 -10.79 -7.06 -18.60
C ALA A 40 -10.33 -8.48 -18.29
N ASN A 41 -9.04 -8.67 -17.98
CA ASN A 41 -8.59 -10.02 -17.76
C ASN A 41 -9.14 -10.64 -16.50
N LEU A 42 -9.37 -9.84 -15.46
CA LEU A 42 -10.01 -10.35 -14.26
C LEU A 42 -11.40 -10.87 -14.61
N VAL A 43 -12.11 -10.18 -15.51
CA VAL A 43 -13.41 -10.68 -15.94
C VAL A 43 -13.25 -12.00 -16.69
N VAL A 44 -12.35 -12.03 -17.68
CA VAL A 44 -12.08 -13.26 -18.43
C VAL A 44 -11.83 -14.41 -17.45
N ALA A 45 -11.01 -14.16 -16.43
CA ALA A 45 -10.65 -15.22 -15.50
C ALA A 45 -11.86 -15.72 -14.75
N GLN A 46 -12.75 -14.81 -14.35
CA GLN A 46 -13.97 -15.23 -13.67
C GLN A 46 -14.88 -16.01 -14.61
N LEU A 47 -14.99 -15.58 -15.87
CA LEU A 47 -15.82 -16.33 -16.82
C LEU A 47 -15.32 -17.76 -16.98
N LEU A 48 -14.00 -17.92 -17.18
CA LEU A 48 -13.41 -19.25 -17.35
C LEU A 48 -13.59 -20.09 -16.09
N PHE A 49 -13.43 -19.45 -14.93
CA PHE A 49 -13.64 -20.16 -13.68
C PHE A 49 -15.06 -20.67 -13.56
N LEU A 50 -16.04 -19.82 -13.89
CA LEU A 50 -17.44 -20.23 -13.74
C LEU A 50 -17.78 -21.36 -14.69
N GLU A 51 -17.23 -21.29 -15.90
CA GLU A 51 -17.43 -22.37 -16.87
C GLU A 51 -16.87 -23.66 -16.35
N SER A 52 -15.72 -23.57 -15.68
CA SER A 52 -15.09 -24.72 -15.06
C SER A 52 -15.95 -25.31 -13.94
N GLU A 53 -16.57 -24.45 -13.15
CA GLU A 53 -17.40 -24.93 -12.04
C GLU A 53 -18.65 -25.64 -12.55
N ASN A 54 -19.26 -25.11 -13.58
CA ASN A 54 -20.45 -25.67 -14.21
C ASN A 54 -20.60 -25.11 -15.62
N PRO A 55 -20.36 -25.90 -16.67
CA PRO A 55 -20.39 -25.36 -18.03
C PRO A 55 -21.79 -25.17 -18.61
N ASP A 56 -22.86 -25.59 -17.93
CA ASP A 56 -24.20 -25.51 -18.51
C ASP A 56 -25.08 -24.43 -17.89
N LYS A 57 -24.65 -23.80 -16.81
CA LYS A 57 -25.46 -22.82 -16.11
C LYS A 57 -25.09 -21.42 -16.58
N ASP A 58 -26.11 -20.58 -16.72
CA ASP A 58 -25.94 -19.20 -17.12
C ASP A 58 -25.00 -18.48 -16.16
N ILE A 59 -24.31 -17.49 -16.70
CA ILE A 59 -23.52 -16.54 -15.95
C ILE A 59 -24.19 -15.17 -16.09
N PHE A 60 -24.11 -14.38 -15.03
CA PHE A 60 -24.71 -13.06 -14.98
C PHE A 60 -23.63 -11.98 -14.88
N PHE A 61 -23.48 -11.24 -15.96
CA PHE A 61 -22.43 -10.25 -16.15
C PHE A 61 -23.05 -8.86 -16.04
N TYR A 62 -22.77 -8.21 -14.90
CA TYR A 62 -23.32 -6.92 -14.51
C TYR A 62 -22.31 -5.87 -14.94
N ILE A 63 -22.76 -4.88 -15.70
CA ILE A 63 -21.88 -3.91 -16.36
C ILE A 63 -22.24 -2.49 -15.91
N ASN A 64 -21.24 -1.78 -15.36
CA ASN A 64 -21.39 -0.35 -15.06
C ASN A 64 -20.04 0.26 -15.41
N SER A 65 -19.92 0.71 -16.65
CA SER A 65 -18.66 1.07 -17.18
C SER A 65 -18.80 2.15 -18.22
N PRO A 66 -17.90 3.13 -18.24
CA PRO A 66 -17.85 4.08 -19.37
C PRO A 66 -17.08 3.58 -20.58
N GLY A 67 -16.54 2.37 -20.60
CA GLY A 67 -15.78 1.87 -21.73
C GLY A 67 -14.30 1.91 -21.40
N GLY A 68 -13.49 1.89 -22.45
CA GLY A 68 -12.05 1.85 -22.34
C GLY A 68 -11.41 1.21 -23.56
N SER A 69 -10.41 0.37 -23.26
CA SER A 69 -9.54 -0.17 -24.30
C SER A 69 -10.31 -1.14 -25.17
N VAL A 70 -10.25 -0.94 -26.47
CA VAL A 70 -10.97 -1.81 -27.38
C VAL A 70 -10.40 -3.24 -27.32
N THR A 71 -9.07 -3.37 -27.32
CA THR A 71 -8.51 -4.72 -27.34
C THR A 71 -8.78 -5.46 -26.02
N ALA A 72 -8.72 -4.77 -24.88
CA ALA A 72 -9.13 -5.38 -23.62
C ALA A 72 -10.62 -5.77 -23.68
N GLY A 73 -11.45 -4.90 -24.23
CA GLY A 73 -12.84 -5.28 -24.36
C GLY A 73 -13.02 -6.49 -25.25
N MET A 74 -12.25 -6.58 -26.33
CA MET A 74 -12.41 -7.71 -27.23
C MET A 74 -12.05 -9.02 -26.54
N SER A 75 -11.09 -8.99 -25.58
CA SER A 75 -10.74 -10.19 -24.82
C SER A 75 -11.96 -10.70 -24.04
N ILE A 76 -12.73 -9.79 -23.48
CA ILE A 76 -13.98 -10.17 -22.79
C ILE A 76 -14.99 -10.71 -23.79
N TYR A 77 -15.28 -9.93 -24.82
CA TYR A 77 -16.22 -10.35 -25.87
C TYR A 77 -15.94 -11.76 -26.37
N ASP A 78 -14.70 -12.04 -26.78
CA ASP A 78 -14.41 -13.34 -27.36
C ASP A 78 -14.51 -14.45 -26.31
N THR A 79 -14.18 -14.16 -25.06
CA THR A 79 -14.38 -15.17 -24.02
C THR A 79 -15.87 -15.43 -23.79
N MET A 80 -16.69 -14.39 -23.73
CA MET A 80 -18.12 -14.59 -23.58
C MET A 80 -18.67 -15.54 -24.63
N ASN A 81 -18.23 -15.35 -25.88
CA ASN A 81 -18.73 -16.17 -26.98
C ASN A 81 -18.09 -17.56 -27.02
N PHE A 82 -16.85 -17.70 -26.52
CA PHE A 82 -16.14 -18.96 -26.60
C PHE A 82 -16.71 -19.96 -25.62
N ILE A 83 -16.95 -19.52 -24.39
CA ILE A 83 -17.28 -20.46 -23.31
C ILE A 83 -18.66 -21.05 -23.54
N LYS A 84 -18.89 -22.20 -22.91
CA LYS A 84 -20.16 -22.89 -23.13
C LYS A 84 -21.36 -22.19 -22.51
N PRO A 85 -21.31 -21.72 -21.25
CA PRO A 85 -22.49 -21.06 -20.67
C PRO A 85 -22.95 -19.82 -21.42
N ASP A 86 -24.27 -19.66 -21.47
CA ASP A 86 -24.84 -18.38 -21.82
C ASP A 86 -24.42 -17.30 -20.82
N VAL A 87 -23.96 -16.17 -21.34
CA VAL A 87 -23.62 -15.01 -20.51
C VAL A 87 -24.74 -13.99 -20.63
N SER A 88 -25.55 -13.90 -19.61
CA SER A 88 -26.61 -12.89 -19.55
C SER A 88 -25.95 -11.58 -19.13
N THR A 89 -26.34 -10.45 -19.71
CA THR A 89 -25.78 -9.17 -19.32
C THR A 89 -26.84 -8.29 -18.66
N LEU A 90 -26.39 -7.44 -17.73
CA LEU A 90 -27.28 -6.48 -17.06
C LEU A 90 -26.54 -5.14 -16.96
N CYS A 91 -27.12 -4.09 -17.55
CA CYS A 91 -26.57 -2.74 -17.39
C CYS A 91 -27.13 -2.11 -16.11
N LEU A 92 -26.26 -1.71 -15.19
CA LEU A 92 -26.69 -0.89 -14.08
C LEU A 92 -25.83 0.37 -14.08
N GLY A 93 -26.48 1.51 -13.89
CA GLY A 93 -25.79 2.77 -13.95
C GLY A 93 -25.58 3.19 -15.38
N GLN A 94 -24.52 2.72 -16.03
CA GLN A 94 -24.33 3.06 -17.43
C GLN A 94 -23.52 1.98 -18.13
N ALA A 95 -23.70 1.92 -19.45
CA ALA A 95 -22.90 1.10 -20.34
C ALA A 95 -22.60 1.98 -21.54
N ALA A 96 -21.41 2.52 -21.57
CA ALA A 96 -21.00 3.43 -22.61
C ALA A 96 -19.84 2.85 -23.39
N SER A 97 -19.84 3.08 -24.71
CA SER A 97 -18.78 2.63 -25.62
C SER A 97 -18.49 1.15 -25.42
N MET A 98 -17.26 0.76 -25.12
CA MET A 98 -17.03 -0.69 -25.03
C MET A 98 -17.96 -1.36 -24.00
N GLY A 99 -18.39 -0.63 -22.97
CA GLY A 99 -19.37 -1.18 -22.05
C GLY A 99 -20.68 -1.54 -22.74
N ALA A 100 -21.15 -0.64 -23.61
CA ALA A 100 -22.36 -0.87 -24.39
C ALA A 100 -22.17 -1.99 -25.39
N PHE A 101 -21.00 -2.03 -26.02
CA PHE A 101 -20.67 -3.14 -26.90
C PHE A 101 -20.80 -4.46 -26.16
N LEU A 102 -20.27 -4.55 -24.95
CA LEU A 102 -20.32 -5.82 -24.21
C LEU A 102 -21.74 -6.12 -23.71
N LEU A 103 -22.46 -5.10 -23.26
CA LEU A 103 -23.86 -5.29 -22.84
C LEU A 103 -24.66 -5.92 -23.98
N SER A 104 -24.46 -5.40 -25.18
CA SER A 104 -25.19 -5.88 -26.37
C SER A 104 -24.71 -7.25 -26.84
N ALA A 105 -23.56 -7.70 -26.36
CA ALA A 105 -23.01 -8.96 -26.77
C ALA A 105 -23.52 -10.12 -25.94
N GLY A 106 -24.29 -9.88 -24.88
CA GLY A 106 -24.84 -10.96 -24.07
C GLY A 106 -25.73 -11.87 -24.90
N GLU A 107 -25.96 -13.09 -24.39
CA GLU A 107 -26.82 -14.07 -25.04
C GLU A 107 -28.16 -13.45 -25.39
N LYS A 108 -28.54 -13.53 -26.68
CA LYS A 108 -29.78 -12.88 -27.12
C LYS A 108 -30.97 -13.47 -26.37
N GLY A 109 -31.84 -12.58 -25.92
CA GLY A 109 -32.90 -12.93 -25.03
C GLY A 109 -32.53 -12.77 -23.56
N LYS A 110 -31.23 -12.60 -23.25
CA LYS A 110 -30.79 -12.48 -21.86
C LYS A 110 -29.94 -11.24 -21.62
N ARG A 111 -30.19 -10.20 -22.41
CA ARG A 111 -29.56 -8.91 -22.22
C ARG A 111 -30.57 -7.96 -21.59
N PHE A 112 -30.24 -7.40 -20.44
CA PHE A 112 -31.17 -6.61 -19.64
C PHE A 112 -30.59 -5.26 -19.24
N ALA A 113 -31.47 -4.34 -18.86
CA ALA A 113 -31.06 -3.10 -18.21
C ALA A 113 -32.03 -2.77 -17.09
N LEU A 114 -31.51 -2.15 -16.07
CA LEU A 114 -32.36 -1.58 -15.04
C LEU A 114 -32.96 -0.29 -15.57
N PRO A 115 -34.06 0.16 -14.97
CA PRO A 115 -34.91 1.14 -15.66
C PRO A 115 -34.25 2.48 -15.86
N ASN A 116 -33.31 2.88 -14.98
CA ASN A 116 -32.71 4.20 -15.04
C ASN A 116 -31.26 4.14 -15.47
N SER A 117 -30.87 3.03 -16.11
CA SER A 117 -29.58 2.85 -16.74
C SER A 117 -29.44 3.83 -17.89
N ARG A 118 -28.20 4.15 -18.22
CA ARG A 118 -27.93 4.94 -19.42
C ARG A 118 -27.00 4.16 -20.32
N ILE A 119 -27.30 4.15 -21.61
CA ILE A 119 -26.46 3.50 -22.59
C ILE A 119 -25.94 4.63 -23.51
N MET A 120 -24.72 4.48 -24.01
CA MET A 120 -24.15 5.38 -25.00
C MET A 120 -23.24 4.64 -25.97
N ILE A 121 -23.38 4.99 -27.26
CA ILE A 121 -22.57 4.40 -28.32
C ILE A 121 -21.95 5.55 -29.14
N HIS A 122 -20.77 5.25 -29.68
CA HIS A 122 -20.01 6.20 -30.48
C HIS A 122 -18.90 5.49 -31.23
N GLN A 123 -18.27 6.23 -32.13
CA GLN A 123 -17.17 5.69 -32.90
C GLN A 123 -15.89 5.69 -32.06
N PRO A 124 -14.88 4.91 -32.48
CA PRO A 124 -13.63 4.86 -31.73
C PRO A 124 -12.96 6.22 -31.58
N LEU A 125 -12.19 6.34 -30.49
CA LEU A 125 -11.47 7.55 -30.13
C LEU A 125 -10.04 7.20 -29.77
N ILE A 126 -9.16 8.17 -29.97
CA ILE A 126 -7.78 8.12 -29.49
C ILE A 126 -7.56 9.42 -28.76
N SER A 127 -7.12 9.33 -27.50
CA SER A 127 -7.02 10.51 -26.64
C SER A 127 -5.57 10.98 -26.42
N GLY A 132 4.47 10.97 -34.62
CA GLY A 132 5.58 10.38 -35.34
C GLY A 132 5.61 10.67 -36.84
N GLN A 133 6.25 9.79 -37.61
CA GLN A 133 6.39 9.99 -39.04
C GLN A 133 5.06 9.79 -39.74
N ALA A 134 4.91 10.46 -40.89
CA ALA A 134 3.68 10.35 -41.66
C ALA A 134 3.37 8.90 -42.00
N SER A 135 4.40 8.11 -42.32
CA SER A 135 4.20 6.69 -42.64
C SER A 135 3.56 5.94 -41.49
N ASP A 136 4.02 6.19 -40.27
CA ASP A 136 3.47 5.49 -39.11
C ASP A 136 2.10 6.01 -38.76
N ILE A 137 1.91 7.33 -38.85
CA ILE A 137 0.57 7.86 -38.61
C ILE A 137 -0.42 7.25 -39.60
N GLU A 138 0.04 7.02 -40.84
CA GLU A 138 -0.81 6.35 -41.83
C GLU A 138 -1.17 4.94 -41.38
N ILE A 139 -0.17 4.18 -40.91
CA ILE A 139 -0.46 2.78 -40.54
C ILE A 139 -1.49 2.75 -39.43
N HIS A 140 -1.33 3.62 -38.44
CA HIS A 140 -2.22 3.60 -37.28
C HIS A 140 -3.60 4.18 -37.60
N ALA A 141 -3.65 5.18 -38.48
CA ALA A 141 -4.95 5.69 -38.89
C ALA A 141 -5.73 4.59 -39.59
N ARG A 142 -5.06 3.85 -40.48
CA ARG A 142 -5.74 2.76 -41.17
C ARG A 142 -6.25 1.71 -40.18
N GLU A 143 -5.45 1.37 -39.16
CA GLU A 143 -5.91 0.41 -38.16
C GLU A 143 -7.10 0.95 -37.36
N LEU A 144 -7.10 2.23 -36.99
CA LEU A 144 -8.24 2.76 -36.25
C LEU A 144 -9.50 2.73 -37.11
N LEU A 145 -9.35 2.96 -38.42
CA LEU A 145 -10.52 2.89 -39.28
C LEU A 145 -11.00 1.44 -39.47
N LYS A 146 -10.08 0.46 -39.48
CA LYS A 146 -10.50 -0.95 -39.53
C LYS A 146 -11.27 -1.32 -38.28
N ILE A 147 -10.80 -0.85 -37.12
CA ILE A 147 -11.53 -1.06 -35.87
C ILE A 147 -12.92 -0.46 -35.96
N LYS A 148 -13.01 0.77 -36.47
CA LYS A 148 -14.31 1.44 -36.59
C LYS A 148 -15.28 0.61 -37.42
N GLU A 149 -14.79 0.03 -38.52
CA GLU A 149 -15.66 -0.78 -39.36
C GLU A 149 -16.06 -2.07 -38.66
N LYS A 150 -15.10 -2.74 -38.02
CA LYS A 150 -15.40 -4.00 -37.35
C LYS A 150 -16.45 -3.82 -36.26
N LEU A 151 -16.30 -2.80 -35.42
CA LEU A 151 -17.26 -2.57 -34.35
C LEU A 151 -18.65 -2.22 -34.87
N ASN A 152 -18.73 -1.47 -35.97
CA ASN A 152 -20.05 -1.20 -36.57
C ASN A 152 -20.68 -2.47 -37.10
N ARG A 153 -19.92 -3.30 -37.82
CA ARG A 153 -20.47 -4.56 -38.32
C ARG A 153 -20.92 -5.43 -37.16
N LEU A 154 -20.11 -5.52 -36.11
CA LEU A 154 -20.46 -6.37 -34.98
C LEU A 154 -21.66 -5.82 -34.20
N MET A 155 -21.68 -4.53 -33.95
CA MET A 155 -22.82 -3.96 -33.24
C MET A 155 -24.10 -4.12 -34.06
N ALA A 156 -24.02 -3.89 -35.38
CA ALA A 156 -25.19 -4.07 -36.22
C ALA A 156 -25.75 -5.49 -36.08
N LYS A 157 -24.86 -6.48 -36.01
CA LYS A 157 -25.30 -7.87 -35.79
C LYS A 157 -25.94 -8.05 -34.42
N HIS A 158 -25.32 -7.54 -33.36
CA HIS A 158 -25.90 -7.70 -32.04
C HIS A 158 -27.27 -7.05 -32.00
N CYS A 159 -27.41 -5.91 -32.65
CA CYS A 159 -28.64 -5.17 -32.55
C CYS A 159 -29.68 -5.61 -33.57
N ASP A 160 -29.37 -6.55 -34.46
CA ASP A 160 -30.29 -6.91 -35.56
C ASP A 160 -30.68 -5.66 -36.34
N ARG A 161 -29.65 -4.90 -36.69
CA ARG A 161 -29.75 -3.60 -37.34
C ARG A 161 -28.84 -3.58 -38.53
N ASP A 162 -29.04 -2.57 -39.40
CA ASP A 162 -28.21 -2.40 -40.58
C ASP A 162 -26.90 -1.69 -40.24
N LEU A 163 -25.84 -2.06 -40.96
CA LEU A 163 -24.57 -1.36 -40.81
C LEU A 163 -24.74 0.14 -41.03
N ALA A 164 -25.53 0.54 -42.04
CA ALA A 164 -25.67 1.96 -42.32
C ALA A 164 -26.33 2.73 -41.17
N ASP A 165 -27.20 2.07 -40.39
CA ASP A 165 -27.74 2.68 -39.19
C ASP A 165 -26.63 2.85 -38.14
N LEU A 166 -25.83 1.82 -37.91
CA LEU A 166 -24.80 1.97 -36.88
C LEU A 166 -23.75 3.01 -37.27
N GLU A 167 -23.37 3.04 -38.56
CA GLU A 167 -22.41 4.05 -39.02
C GLU A 167 -22.95 5.44 -38.70
N ARG A 168 -24.22 5.66 -39.05
CA ARG A 168 -24.88 6.94 -38.79
C ARG A 168 -24.98 7.25 -37.30
N ASP A 169 -25.40 6.28 -36.51
CA ASP A 169 -25.82 6.52 -35.15
C ASP A 169 -24.65 6.57 -34.18
N THR A 170 -23.44 6.33 -34.66
CA THR A 170 -22.26 6.41 -33.83
C THR A 170 -21.31 7.52 -34.24
N ASP A 171 -21.70 8.36 -35.20
CA ASP A 171 -20.78 9.38 -35.69
C ASP A 171 -20.38 10.34 -34.57
N ARG A 172 -21.31 10.65 -33.68
CA ARG A 172 -21.06 11.37 -32.45
C ARG A 172 -21.72 10.57 -31.33
N ASP A 173 -21.40 10.97 -30.10
CA ASP A 173 -21.91 10.31 -28.91
C ASP A 173 -23.43 10.23 -28.96
N ASN A 174 -23.95 9.04 -28.74
CA ASN A 174 -25.38 8.78 -28.88
C ASN A 174 -25.88 8.15 -27.58
N PHE A 175 -26.57 8.95 -26.77
CA PHE A 175 -27.09 8.53 -25.48
C PHE A 175 -28.47 7.92 -25.66
N MET A 176 -28.72 6.84 -24.93
CA MET A 176 -29.99 6.13 -25.04
C MET A 176 -30.48 5.77 -23.65
N SER A 177 -31.78 6.00 -23.43
CA SER A 177 -32.43 5.46 -22.24
C SER A 177 -32.55 3.94 -22.39
N ALA A 178 -32.99 3.28 -21.31
CA ALA A 178 -33.16 1.84 -21.35
C ALA A 178 -34.19 1.46 -22.40
N GLU A 179 -35.31 2.21 -22.46
CA GLU A 179 -36.32 1.91 -23.47
C GLU A 179 -35.80 2.16 -24.88
N GLU A 180 -35.00 3.23 -25.10
CA GLU A 180 -34.43 3.43 -26.43
C GLU A 180 -33.46 2.32 -26.79
N ALA A 181 -32.68 1.86 -25.83
CA ALA A 181 -31.77 0.77 -26.11
C ALA A 181 -32.52 -0.51 -26.47
N LYS A 182 -33.66 -0.76 -25.84
CA LYS A 182 -34.48 -1.89 -26.26
C LYS A 182 -34.99 -1.70 -27.68
N GLU A 183 -35.56 -0.53 -27.96
CA GLU A 183 -36.08 -0.28 -29.31
C GLU A 183 -34.96 -0.43 -30.34
N TYR A 184 -33.73 -0.03 -29.99
CA TYR A 184 -32.62 -0.10 -30.92
C TYR A 184 -32.16 -1.54 -31.19
N GLY A 185 -32.44 -2.48 -30.30
CA GLY A 185 -31.94 -3.83 -30.42
C GLY A 185 -30.74 -4.16 -29.55
N LEU A 186 -30.30 -3.25 -28.68
CA LEU A 186 -29.10 -3.49 -27.89
C LEU A 186 -29.38 -4.38 -26.69
N ILE A 187 -30.58 -4.29 -26.12
CA ILE A 187 -30.98 -5.14 -25.01
C ILE A 187 -32.33 -5.74 -25.40
N ASP A 188 -32.73 -6.74 -24.62
CA ASP A 188 -33.98 -7.45 -24.82
C ASP A 188 -35.07 -6.98 -23.88
N GLN A 189 -34.73 -6.74 -22.62
CA GLN A 189 -35.78 -6.38 -21.68
C GLN A 189 -35.23 -5.41 -20.65
N ILE A 190 -36.15 -4.59 -20.15
CA ILE A 190 -35.89 -3.74 -18.98
C ILE A 190 -36.47 -4.45 -17.77
N LEU A 191 -35.68 -4.55 -16.74
CA LEU A 191 -36.16 -5.21 -15.51
C LEU A 191 -36.33 -4.19 -14.40
N GLU A 192 -37.58 -4.00 -13.96
CA GLU A 192 -37.82 -3.14 -12.79
C GLU A 192 -37.67 -3.90 -11.48
N ASN A 193 -38.11 -5.18 -11.42
CA ASN A 193 -37.85 -5.99 -10.24
C ASN A 193 -37.88 -7.45 -10.64
N ARG A 194 -37.84 -8.33 -9.64
CA ARG A 194 -37.88 -9.77 -9.86
C ARG A 194 -39.27 -10.29 -10.22
N ALA A 195 -40.08 -9.44 -10.83
CA ALA A 195 -41.37 -9.85 -11.35
C ALA A 195 -41.51 -9.48 -12.83
N SER A 196 -40.44 -8.95 -13.44
CA SER A 196 -40.46 -8.56 -14.85
C SER A 196 -39.98 -9.72 -15.72
N LEU B 2 -7.36 -7.59 -4.59
CA LEU B 2 -8.33 -7.07 -5.56
C LEU B 2 -8.75 -8.19 -6.51
N VAL B 3 -8.38 -9.41 -6.15
CA VAL B 3 -8.65 -10.63 -6.92
C VAL B 3 -9.68 -11.43 -6.16
N PRO B 4 -10.75 -11.93 -6.79
CA PRO B 4 -11.75 -12.71 -6.05
C PRO B 4 -11.16 -14.00 -5.49
N THR B 5 -11.83 -14.51 -4.44
CA THR B 5 -11.38 -15.64 -3.65
C THR B 5 -12.26 -16.84 -3.94
N VAL B 6 -11.64 -18.00 -4.14
CA VAL B 6 -12.39 -19.20 -4.50
C VAL B 6 -11.76 -20.44 -3.90
N PHE B 17 -7.07 -20.57 -4.18
CA PHE B 17 -8.01 -19.81 -3.38
C PHE B 17 -8.11 -18.38 -3.91
N ASP B 18 -7.12 -17.97 -4.68
CA ASP B 18 -7.17 -16.77 -5.50
C ASP B 18 -7.51 -17.20 -6.93
N ILE B 19 -8.19 -16.32 -7.68
CA ILE B 19 -8.76 -16.79 -8.94
C ILE B 19 -7.65 -17.17 -9.91
N TYR B 20 -6.56 -16.39 -9.94
CA TYR B 20 -5.50 -16.71 -10.89
C TYR B 20 -4.78 -17.96 -10.45
N SER B 21 -4.62 -18.13 -9.13
CA SER B 21 -4.11 -19.40 -8.60
C SER B 21 -5.07 -20.54 -8.89
N ARG B 22 -6.38 -20.28 -8.82
CA ARG B 22 -7.36 -21.30 -9.17
C ARG B 22 -7.19 -21.75 -10.62
N LEU B 23 -6.98 -20.80 -11.53
CA LEU B 23 -6.83 -21.18 -12.93
C LEU B 23 -5.49 -21.82 -13.18
N LEU B 24 -4.49 -21.53 -12.36
CA LEU B 24 -3.23 -22.26 -12.42
C LEU B 24 -3.44 -23.73 -12.15
N LYS B 25 -4.44 -24.06 -11.32
CA LYS B 25 -4.74 -25.47 -11.11
C LYS B 25 -5.16 -26.11 -12.43
N GLU B 26 -5.74 -25.33 -13.34
CA GLU B 26 -6.07 -25.81 -14.67
C GLU B 26 -4.94 -25.66 -15.67
N ARG B 27 -3.73 -25.32 -15.20
CA ARG B 27 -2.56 -25.15 -16.05
C ARG B 27 -2.69 -23.95 -17.01
N ILE B 28 -3.42 -22.93 -16.59
CA ILE B 28 -3.54 -21.67 -17.31
C ILE B 28 -2.59 -20.67 -16.67
N VAL B 29 -1.79 -20.03 -17.54
CA VAL B 29 -0.84 -18.98 -17.17
C VAL B 29 -1.16 -17.76 -18.03
N PHE B 30 -1.27 -16.61 -17.40
CA PHE B 30 -1.54 -15.34 -18.09
C PHE B 30 -0.30 -14.45 -18.19
N LEU B 31 -0.17 -13.77 -19.32
CA LEU B 31 0.74 -12.65 -19.50
C LEU B 31 -0.15 -11.51 -19.92
N VAL B 32 -0.30 -10.52 -19.07
CA VAL B 32 -1.19 -9.39 -19.29
C VAL B 32 -0.41 -8.09 -19.14
N GLY B 33 -0.49 -7.23 -20.13
CA GLY B 33 0.15 -5.96 -20.01
C GLY B 33 1.62 -6.05 -20.32
N PRO B 34 2.35 -4.97 -20.01
CA PRO B 34 3.75 -4.91 -20.44
C PRO B 34 4.60 -6.02 -19.88
N VAL B 35 5.53 -6.48 -20.70
CA VAL B 35 6.53 -7.48 -20.33
C VAL B 35 7.65 -6.74 -19.59
N THR B 36 7.77 -6.98 -18.29
CA THR B 36 8.83 -6.42 -17.46
C THR B 36 9.63 -7.57 -16.85
N ASP B 37 10.82 -7.29 -16.30
CA ASP B 37 11.55 -8.40 -15.66
C ASP B 37 10.66 -9.13 -14.66
N GLU B 38 9.89 -8.39 -13.87
CA GLU B 38 9.10 -9.00 -12.80
C GLU B 38 7.90 -9.77 -13.36
N SER B 39 7.22 -9.22 -14.35
CA SER B 39 6.09 -9.95 -14.93
C SER B 39 6.56 -11.16 -15.73
N ALA B 40 7.68 -11.03 -16.45
CA ALA B 40 8.19 -12.17 -17.17
C ALA B 40 8.65 -13.26 -16.21
N ASN B 41 9.37 -12.91 -15.13
CA ASN B 41 9.85 -13.98 -14.26
C ASN B 41 8.66 -14.67 -13.59
N LEU B 42 7.59 -13.94 -13.36
CA LEU B 42 6.39 -14.56 -12.79
C LEU B 42 5.86 -15.63 -13.73
N VAL B 43 5.86 -15.36 -15.03
CA VAL B 43 5.48 -16.43 -15.98
C VAL B 43 6.49 -17.57 -15.94
N VAL B 44 7.79 -17.26 -15.95
CA VAL B 44 8.81 -18.30 -15.86
C VAL B 44 8.55 -19.18 -14.64
N ALA B 45 8.25 -18.55 -13.51
CA ALA B 45 8.05 -19.29 -12.28
C ALA B 45 6.86 -20.23 -12.38
N GLN B 46 5.78 -19.75 -13.00
CA GLN B 46 4.59 -20.58 -13.16
C GLN B 46 4.83 -21.73 -14.13
N LEU B 47 5.57 -21.51 -15.21
CA LEU B 47 5.91 -22.60 -16.13
C LEU B 47 6.72 -23.67 -15.41
N LEU B 48 7.73 -23.25 -14.64
CA LEU B 48 8.56 -24.21 -13.93
C LEU B 48 7.74 -24.97 -12.93
N PHE B 49 6.82 -24.28 -12.24
CA PHE B 49 5.92 -24.93 -11.29
C PHE B 49 5.03 -25.96 -11.98
N LEU B 50 4.37 -25.57 -13.08
CA LEU B 50 3.48 -26.52 -13.75
C LEU B 50 4.23 -27.73 -14.28
N GLU B 51 5.45 -27.53 -14.80
CA GLU B 51 6.25 -28.69 -15.22
C GLU B 51 6.55 -29.61 -14.03
N SER B 52 6.86 -29.01 -12.89
CA SER B 52 7.17 -29.80 -11.70
C SER B 52 5.95 -30.58 -11.23
N GLU B 53 4.79 -29.96 -11.28
CA GLU B 53 3.56 -30.65 -10.88
C GLU B 53 3.21 -31.76 -11.87
N ASN B 54 3.35 -31.52 -13.17
CA ASN B 54 3.09 -32.61 -14.10
C ASN B 54 3.71 -32.31 -15.45
N PRO B 55 4.84 -32.95 -15.77
CA PRO B 55 5.55 -32.66 -17.01
C PRO B 55 4.88 -33.25 -18.24
N ASP B 56 3.81 -34.01 -18.04
CA ASP B 56 3.19 -34.73 -19.13
C ASP B 56 1.89 -34.11 -19.58
N LYS B 57 1.51 -32.96 -19.00
CA LYS B 57 0.32 -32.21 -19.40
C LYS B 57 0.72 -30.86 -20.02
N ASP B 58 0.01 -30.49 -21.07
CA ASP B 58 0.20 -29.20 -21.71
C ASP B 58 0.01 -28.08 -20.70
N ILE B 59 0.63 -26.92 -20.98
CA ILE B 59 0.38 -25.67 -20.27
C ILE B 59 -0.29 -24.69 -21.23
N PHE B 60 -1.20 -23.89 -20.70
CA PHE B 60 -2.01 -22.98 -21.52
C PHE B 60 -1.62 -21.54 -21.20
N PHE B 61 -0.92 -20.91 -22.14
CA PHE B 61 -0.31 -19.60 -21.95
C PHE B 61 -1.14 -18.55 -22.72
N TYR B 62 -1.96 -17.81 -21.96
CA TYR B 62 -2.90 -16.83 -22.47
C TYR B 62 -2.20 -15.48 -22.48
N ILE B 63 -2.19 -14.82 -23.64
CA ILE B 63 -1.42 -13.60 -23.86
C ILE B 63 -2.35 -12.45 -24.23
N ASN B 64 -2.31 -11.37 -23.46
CA ASN B 64 -2.93 -10.10 -23.83
C ASN B 64 -1.91 -9.03 -23.43
N SER B 65 -1.00 -8.72 -24.37
CA SER B 65 0.19 -7.90 -24.03
C SER B 65 0.58 -7.05 -25.20
N PRO B 66 0.95 -5.80 -24.97
CA PRO B 66 1.51 -4.96 -26.04
C PRO B 66 3.01 -5.11 -26.25
N GLY B 67 3.65 -5.95 -25.49
CA GLY B 67 5.06 -6.18 -25.56
C GLY B 67 5.78 -5.53 -24.40
N GLY B 68 7.05 -5.29 -24.60
CA GLY B 68 7.88 -4.76 -23.52
C GLY B 68 9.34 -5.13 -23.75
N SER B 69 10.03 -5.44 -22.64
CA SER B 69 11.46 -5.64 -22.71
C SER B 69 11.81 -6.91 -23.49
N VAL B 70 12.71 -6.77 -24.46
CA VAL B 70 13.08 -7.92 -25.26
C VAL B 70 13.75 -8.97 -24.39
N THR B 71 14.65 -8.55 -23.49
CA THR B 71 15.36 -9.56 -22.71
C THR B 71 14.43 -10.27 -21.74
N ALA B 72 13.47 -9.57 -21.14
CA ALA B 72 12.49 -10.23 -20.27
C ALA B 72 11.65 -11.22 -21.08
N GLY B 73 11.31 -10.86 -22.31
CA GLY B 73 10.60 -11.83 -23.17
C GLY B 73 11.40 -13.08 -23.50
N MET B 74 12.71 -12.93 -23.74
CA MET B 74 13.55 -14.08 -24.05
C MET B 74 13.65 -15.04 -22.87
N SER B 75 13.56 -14.52 -21.64
CA SER B 75 13.56 -15.39 -20.48
C SER B 75 12.36 -16.33 -20.49
N ILE B 76 11.19 -15.82 -20.89
CA ILE B 76 10.01 -16.69 -21.04
C ILE B 76 10.17 -17.61 -22.24
N TYR B 77 10.56 -17.06 -23.39
CA TYR B 77 10.78 -17.85 -24.60
C TYR B 77 11.65 -19.09 -24.35
N ASP B 78 12.83 -18.89 -23.77
CA ASP B 78 13.75 -20.00 -23.54
C ASP B 78 13.19 -20.97 -22.53
N THR B 79 12.40 -20.48 -21.57
CA THR B 79 11.76 -21.39 -20.61
C THR B 79 10.72 -22.26 -21.30
N MET B 80 9.89 -21.64 -22.15
CA MET B 80 8.90 -22.42 -22.89
C MET B 80 9.57 -23.59 -23.60
N ASN B 81 10.65 -23.28 -24.34
CA ASN B 81 11.31 -24.31 -25.11
C ASN B 81 12.07 -25.26 -24.21
N PHE B 82 12.46 -24.82 -23.01
CA PHE B 82 13.29 -25.67 -22.16
C PHE B 82 12.50 -26.81 -21.53
N ILE B 83 11.35 -26.49 -20.94
CA ILE B 83 10.59 -27.46 -20.15
C ILE B 83 9.97 -28.51 -21.05
N LYS B 84 9.52 -29.59 -20.41
CA LYS B 84 8.97 -30.72 -21.16
C LYS B 84 7.61 -30.42 -21.75
N PRO B 85 6.66 -29.82 -21.03
CA PRO B 85 5.31 -29.62 -21.59
C PRO B 85 5.33 -28.78 -22.83
N ASP B 86 4.44 -29.14 -23.75
CA ASP B 86 4.03 -28.21 -24.79
C ASP B 86 3.37 -27.00 -24.16
N VAL B 87 3.83 -25.81 -24.53
CA VAL B 87 3.21 -24.58 -24.09
C VAL B 87 2.32 -24.16 -25.26
N SER B 88 1.03 -24.37 -25.09
CA SER B 88 0.04 -23.88 -26.03
C SER B 88 -0.17 -22.43 -25.72
N THR B 89 -0.25 -21.61 -26.76
CA THR B 89 -0.46 -20.19 -26.61
C THR B 89 -1.84 -19.81 -27.15
N LEU B 90 -2.41 -18.77 -26.57
CA LEU B 90 -3.65 -18.20 -27.05
C LEU B 90 -3.59 -16.68 -26.99
N CYS B 91 -3.85 -16.03 -28.13
CA CYS B 91 -4.01 -14.58 -28.12
C CYS B 91 -5.45 -14.22 -27.73
N LEU B 92 -5.62 -13.45 -26.66
CA LEU B 92 -6.89 -12.77 -26.39
C LEU B 92 -6.65 -11.27 -26.24
N GLY B 93 -7.53 -10.49 -26.87
CA GLY B 93 -7.37 -9.05 -26.95
C GLY B 93 -6.28 -8.73 -27.95
N GLN B 94 -5.02 -8.75 -27.51
CA GLN B 94 -3.94 -8.49 -28.46
C GLN B 94 -2.61 -9.13 -28.03
N ALA B 95 -1.78 -9.35 -29.03
CA ALA B 95 -0.39 -9.79 -28.82
C ALA B 95 0.45 -8.94 -29.78
N ALA B 96 1.11 -7.94 -29.25
CA ALA B 96 1.91 -7.02 -30.05
C ALA B 96 3.36 -7.05 -29.58
N SER B 97 4.26 -6.88 -30.55
CA SER B 97 5.71 -6.91 -30.32
C SER B 97 6.13 -8.17 -29.59
N MET B 98 6.76 -8.06 -28.42
CA MET B 98 7.19 -9.27 -27.75
C MET B 98 6.02 -10.22 -27.45
N GLY B 99 4.82 -9.67 -27.28
CA GLY B 99 3.63 -10.52 -27.16
C GLY B 99 3.40 -11.40 -28.38
N ALA B 100 3.56 -10.83 -29.59
CA ALA B 100 3.42 -11.64 -30.79
C ALA B 100 4.54 -12.67 -30.88
N PHE B 101 5.76 -12.27 -30.52
CA PHE B 101 6.88 -13.19 -30.56
C PHE B 101 6.59 -14.42 -29.73
N LEU B 102 6.09 -14.23 -28.51
CA LEU B 102 5.80 -15.34 -27.63
C LEU B 102 4.59 -16.13 -28.10
N LEU B 103 3.54 -15.46 -28.57
CA LEU B 103 2.42 -16.21 -29.18
C LEU B 103 2.90 -17.14 -30.29
N SER B 104 3.75 -16.63 -31.21
CA SER B 104 4.25 -17.43 -32.34
C SER B 104 5.22 -18.49 -31.87
N ALA B 105 5.70 -18.40 -30.65
CA ALA B 105 6.64 -19.38 -30.13
C ALA B 105 5.96 -20.58 -29.51
N GLY B 106 4.64 -20.55 -29.41
CA GLY B 106 3.96 -21.70 -28.86
C GLY B 106 4.22 -22.95 -29.67
N GLU B 107 4.01 -24.11 -29.01
CA GLU B 107 4.19 -25.37 -29.71
C GLU B 107 3.37 -25.34 -30.99
N LYS B 108 4.04 -25.60 -32.11
CA LYS B 108 3.35 -25.57 -33.39
C LYS B 108 2.24 -26.62 -33.43
N GLY B 109 1.09 -26.19 -33.95
CA GLY B 109 -0.13 -26.93 -33.88
C GLY B 109 -0.99 -26.54 -32.70
N LYS B 110 -0.42 -25.84 -31.71
CA LYS B 110 -1.12 -25.41 -30.50
C LYS B 110 -1.05 -23.90 -30.27
N ARG B 111 -0.96 -23.14 -31.35
CA ARG B 111 -1.00 -21.68 -31.31
C ARG B 111 -2.35 -21.20 -31.80
N PHE B 112 -3.04 -20.46 -30.97
CA PHE B 112 -4.41 -20.06 -31.23
C PHE B 112 -4.63 -18.58 -31.03
N ALA B 113 -5.70 -18.12 -31.65
CA ALA B 113 -6.18 -16.79 -31.44
C ALA B 113 -7.70 -16.85 -31.36
N LEU B 114 -8.27 -15.95 -30.55
CA LEU B 114 -9.71 -15.74 -30.59
C LEU B 114 -10.04 -14.86 -31.79
N PRO B 115 -11.29 -14.88 -32.24
CA PRO B 115 -11.57 -14.34 -33.58
C PRO B 115 -11.30 -12.86 -33.75
N ASN B 116 -11.44 -12.06 -32.69
CA ASN B 116 -11.31 -10.61 -32.77
C ASN B 116 -10.05 -10.12 -32.08
N SER B 117 -9.14 -11.03 -31.77
CA SER B 117 -7.81 -10.63 -31.32
C SER B 117 -7.02 -10.04 -32.49
N ARG B 118 -6.05 -9.20 -32.16
CA ARG B 118 -5.18 -8.62 -33.15
C ARG B 118 -3.72 -8.81 -32.76
N ILE B 119 -2.90 -9.01 -33.78
CA ILE B 119 -1.47 -9.23 -33.66
C ILE B 119 -0.76 -8.04 -34.30
N MET B 120 0.40 -7.71 -33.75
CA MET B 120 1.23 -6.66 -34.34
C MET B 120 2.69 -7.05 -34.17
N ILE B 121 3.45 -6.89 -35.25
CA ILE B 121 4.88 -7.20 -35.23
C ILE B 121 5.63 -5.99 -35.74
N HIS B 122 6.86 -5.82 -35.27
CA HIS B 122 7.70 -4.72 -35.70
C HIS B 122 9.14 -4.95 -35.28
N GLN B 123 10.02 -4.06 -35.77
CA GLN B 123 11.42 -4.13 -35.41
C GLN B 123 11.63 -3.51 -34.04
N PRO B 124 12.76 -3.78 -33.40
CA PRO B 124 13.01 -3.25 -32.06
C PRO B 124 12.97 -1.74 -32.00
N LEU B 125 12.66 -1.26 -30.80
CA LEU B 125 12.60 0.15 -30.48
C LEU B 125 13.37 0.37 -29.20
N ILE B 126 13.85 1.58 -29.01
CA ILE B 126 14.36 2.04 -27.73
C ILE B 126 13.60 3.32 -27.39
N SER B 127 13.23 3.48 -26.13
CA SER B 127 12.56 4.71 -25.70
C SER B 127 13.49 5.52 -24.79
N GLY B 132 25.32 9.01 -24.57
CA GLY B 132 26.71 9.03 -24.13
C GLY B 132 27.77 9.38 -25.18
N GLN B 133 28.96 8.82 -24.99
CA GLN B 133 30.04 9.03 -25.96
C GLN B 133 29.75 8.25 -27.25
N ALA B 134 30.30 8.75 -28.36
CA ALA B 134 30.15 8.07 -29.65
C ALA B 134 30.59 6.61 -29.60
N SER B 135 31.67 6.30 -28.86
CA SER B 135 32.09 4.92 -28.70
C SER B 135 31.00 4.07 -28.06
N ASP B 136 30.29 4.64 -27.08
CA ASP B 136 29.20 3.91 -26.43
C ASP B 136 27.96 3.86 -27.33
N ILE B 137 27.65 4.95 -28.05
CA ILE B 137 26.53 4.90 -28.97
C ILE B 137 26.75 3.80 -30.00
N GLU B 138 27.98 3.67 -30.50
CA GLU B 138 28.29 2.60 -31.43
C GLU B 138 28.00 1.24 -30.79
N ILE B 139 28.45 1.04 -29.56
CA ILE B 139 28.32 -0.28 -28.95
C ILE B 139 26.86 -0.66 -28.80
N HIS B 140 26.04 0.26 -28.29
CA HIS B 140 24.65 -0.08 -28.00
C HIS B 140 23.83 -0.19 -29.27
N ALA B 141 24.18 0.63 -30.27
CA ALA B 141 23.57 0.52 -31.59
C ALA B 141 23.85 -0.83 -32.23
N ARG B 142 25.09 -1.31 -32.13
CA ARG B 142 25.43 -2.62 -32.67
C ARG B 142 24.63 -3.73 -31.99
N GLU B 143 24.44 -3.64 -30.67
CA GLU B 143 23.65 -4.64 -29.97
C GLU B 143 22.19 -4.56 -30.39
N LEU B 144 21.66 -3.37 -30.62
CA LEU B 144 20.27 -3.28 -31.03
C LEU B 144 20.03 -3.93 -32.38
N LEU B 145 20.95 -3.75 -33.31
CA LEU B 145 20.78 -4.36 -34.61
C LEU B 145 21.01 -5.87 -34.54
N LYS B 146 21.84 -6.34 -33.63
CA LYS B 146 21.95 -7.77 -33.39
C LYS B 146 20.62 -8.34 -32.88
N ILE B 147 19.99 -7.66 -31.93
CA ILE B 147 18.66 -8.08 -31.47
C ILE B 147 17.69 -8.09 -32.66
N LYS B 148 17.72 -7.02 -33.48
CA LYS B 148 16.80 -6.94 -34.61
C LYS B 148 16.93 -8.12 -35.57
N GLU B 149 18.18 -8.51 -35.89
CA GLU B 149 18.37 -9.63 -36.83
C GLU B 149 17.99 -10.96 -36.20
N LYS B 150 18.35 -11.15 -34.93
CA LYS B 150 18.02 -12.39 -34.24
C LYS B 150 16.52 -12.60 -34.19
N LEU B 151 15.77 -11.56 -33.80
CA LEU B 151 14.32 -11.70 -33.69
C LEU B 151 13.70 -11.98 -35.06
N ASN B 152 14.24 -11.38 -36.13
CA ASN B 152 13.73 -11.71 -37.46
C ASN B 152 14.00 -13.17 -37.80
N ARG B 153 15.20 -13.67 -37.49
CA ARG B 153 15.55 -15.07 -37.78
C ARG B 153 14.63 -16.01 -37.02
N LEU B 154 14.40 -15.73 -35.75
CA LEU B 154 13.51 -16.58 -34.97
C LEU B 154 12.06 -16.46 -35.45
N MET B 155 11.60 -15.25 -35.80
CA MET B 155 10.20 -15.13 -36.26
C MET B 155 10.00 -15.88 -37.57
N ALA B 156 10.93 -15.75 -38.52
CA ALA B 156 10.83 -16.52 -39.76
C ALA B 156 10.77 -18.00 -39.44
N LYS B 157 11.51 -18.45 -38.43
CA LYS B 157 11.47 -19.84 -38.02
C LYS B 157 10.08 -20.22 -37.50
N HIS B 158 9.50 -19.36 -36.65
CA HIS B 158 8.15 -19.61 -36.12
C HIS B 158 7.11 -19.63 -37.22
N CYS B 159 7.24 -18.75 -38.21
CA CYS B 159 6.22 -18.55 -39.23
C CYS B 159 6.41 -19.42 -40.46
N ASP B 160 7.48 -20.23 -40.52
CA ASP B 160 7.81 -21.01 -41.70
C ASP B 160 7.80 -20.11 -42.92
N ARG B 161 8.55 -19.02 -42.81
CA ARG B 161 8.64 -18.02 -43.84
C ARG B 161 10.10 -17.71 -44.07
N ASP B 162 10.36 -17.03 -45.17
CA ASP B 162 11.72 -16.61 -45.48
C ASP B 162 12.08 -15.40 -44.63
N LEU B 163 13.36 -15.33 -44.25
CA LEU B 163 13.84 -14.18 -43.50
C LEU B 163 13.52 -12.87 -44.21
N ALA B 164 13.66 -12.83 -45.52
CA ALA B 164 13.41 -11.57 -46.25
C ALA B 164 11.96 -11.12 -46.12
N ASP B 165 11.02 -12.04 -45.97
CA ASP B 165 9.64 -11.63 -45.74
C ASP B 165 9.50 -10.90 -44.41
N LEU B 166 10.12 -11.44 -43.36
CA LEU B 166 10.02 -10.79 -42.06
C LEU B 166 10.72 -9.44 -42.08
N GLU B 167 11.83 -9.34 -42.78
CA GLU B 167 12.54 -8.08 -42.90
C GLU B 167 11.65 -7.04 -43.53
N ARG B 168 10.97 -7.40 -44.60
CA ARG B 168 10.03 -6.48 -45.24
C ARG B 168 8.90 -6.14 -44.28
N ASP B 169 8.34 -7.15 -43.65
CA ASP B 169 7.07 -7.00 -42.97
C ASP B 169 7.19 -6.47 -41.55
N THR B 170 8.41 -6.28 -41.02
CA THR B 170 8.56 -5.72 -39.68
C THR B 170 9.26 -4.36 -39.70
N ASP B 171 9.43 -3.73 -40.88
CA ASP B 171 10.10 -2.42 -40.92
C ASP B 171 9.31 -1.35 -40.19
N ARG B 172 7.97 -1.41 -40.30
CA ARG B 172 7.07 -0.57 -39.55
C ARG B 172 6.00 -1.45 -38.90
N ASP B 173 5.21 -0.83 -38.02
CA ASP B 173 4.15 -1.54 -37.32
C ASP B 173 3.28 -2.29 -38.33
N ASN B 174 3.07 -3.59 -38.08
CA ASN B 174 2.36 -4.49 -38.99
C ASN B 174 1.27 -5.17 -38.18
N PHE B 175 0.07 -4.66 -38.30
CA PHE B 175 -1.09 -5.16 -37.57
C PHE B 175 -1.76 -6.26 -38.37
N MET B 176 -2.23 -7.29 -37.69
CA MET B 176 -2.89 -8.39 -38.37
C MET B 176 -4.08 -8.89 -37.57
N SER B 177 -5.16 -9.12 -38.29
CA SER B 177 -6.29 -9.84 -37.76
C SER B 177 -5.89 -11.30 -37.51
N ALA B 178 -6.76 -12.00 -36.78
CA ALA B 178 -6.46 -13.40 -36.48
C ALA B 178 -6.33 -14.22 -37.76
N GLU B 179 -7.19 -13.96 -38.79
CA GLU B 179 -7.11 -14.66 -40.06
C GLU B 179 -5.83 -14.33 -40.82
N GLU B 180 -5.40 -13.06 -40.79
CA GLU B 180 -4.12 -12.69 -41.40
C GLU B 180 -2.94 -13.32 -40.67
N ALA B 181 -2.99 -13.34 -39.33
CA ALA B 181 -1.89 -13.96 -38.60
C ALA B 181 -1.82 -15.45 -38.86
N LYS B 182 -2.97 -16.10 -39.03
CA LYS B 182 -2.93 -17.51 -39.36
C LYS B 182 -2.29 -17.75 -40.73
N GLU B 183 -2.69 -16.95 -41.73
CA GLU B 183 -2.13 -17.04 -43.06
C GLU B 183 -0.64 -16.75 -43.06
N TYR B 184 -0.19 -15.88 -42.16
CA TYR B 184 1.23 -15.54 -42.12
C TYR B 184 2.08 -16.68 -41.59
N GLY B 185 1.50 -17.56 -40.76
CA GLY B 185 2.23 -18.60 -40.05
C GLY B 185 2.47 -18.37 -38.57
N LEU B 186 1.92 -17.29 -38.00
CA LEU B 186 2.16 -16.95 -36.60
C LEU B 186 1.30 -17.78 -35.65
N ILE B 187 0.10 -18.14 -36.10
CA ILE B 187 -0.77 -19.03 -35.33
C ILE B 187 -1.18 -20.16 -36.24
N ASP B 188 -1.76 -21.18 -35.61
CA ASP B 188 -2.23 -22.36 -36.31
C ASP B 188 -3.73 -22.34 -36.50
N GLN B 189 -4.49 -21.93 -35.50
CA GLN B 189 -5.94 -22.03 -35.62
C GLN B 189 -6.61 -20.93 -34.82
N ILE B 190 -7.76 -20.53 -35.34
CA ILE B 190 -8.65 -19.58 -34.69
C ILE B 190 -9.72 -20.38 -33.98
N LEU B 191 -9.96 -20.05 -32.73
CA LEU B 191 -10.97 -20.72 -31.93
C LEU B 191 -12.16 -19.80 -31.71
N GLU B 192 -13.33 -20.19 -32.24
CA GLU B 192 -14.57 -19.46 -32.00
C GLU B 192 -15.26 -19.90 -30.71
N ASN B 193 -15.42 -21.21 -30.53
CA ASN B 193 -15.90 -21.68 -29.24
C ASN B 193 -15.41 -23.09 -29.01
N ARG B 194 -15.94 -23.72 -27.97
CA ARG B 194 -15.69 -25.13 -27.71
C ARG B 194 -16.58 -25.88 -28.70
N ALA B 195 -15.99 -26.23 -29.84
CA ALA B 195 -16.65 -27.08 -30.83
C ALA B 195 -15.68 -28.23 -31.14
N VAL C 3 0.94 -12.64 -6.63
CA VAL C 3 1.70 -13.87 -6.57
C VAL C 3 0.77 -15.08 -6.51
N PRO C 4 0.77 -15.93 -7.54
CA PRO C 4 -0.01 -17.17 -7.44
C PRO C 4 0.43 -17.93 -6.20
N THR C 5 -0.47 -18.74 -5.66
CA THR C 5 -0.20 -19.46 -4.43
C THR C 5 -0.37 -20.96 -4.64
N VAL C 6 0.30 -21.71 -3.77
CA VAL C 6 0.47 -23.15 -3.93
C VAL C 6 -0.51 -23.93 -3.07
N ASP C 18 2.96 -19.55 -1.82
CA ASP C 18 3.24 -18.67 -2.96
C ASP C 18 4.22 -19.35 -3.91
N ILE C 19 4.25 -18.87 -5.15
CA ILE C 19 4.96 -19.58 -6.22
C ILE C 19 6.45 -19.65 -5.93
N TYR C 20 7.02 -18.56 -5.41
CA TYR C 20 8.47 -18.54 -5.22
C TYR C 20 8.88 -19.40 -4.04
N SER C 21 8.05 -19.46 -3.00
CA SER C 21 8.33 -20.38 -1.88
C SER C 21 8.26 -21.83 -2.33
N ARG C 22 7.30 -22.15 -3.21
CA ARG C 22 7.18 -23.49 -3.78
C ARG C 22 8.41 -23.86 -4.58
N LEU C 23 8.96 -22.92 -5.35
CA LEU C 23 10.16 -23.24 -6.12
C LEU C 23 11.40 -23.27 -5.22
N LEU C 24 11.35 -22.53 -4.12
CA LEU C 24 12.41 -22.64 -3.14
C LEU C 24 12.52 -24.06 -2.62
N LYS C 25 11.41 -24.81 -2.61
CA LYS C 25 11.49 -26.20 -2.20
C LYS C 25 12.35 -27.02 -3.14
N GLU C 26 12.43 -26.63 -4.41
CA GLU C 26 13.26 -27.27 -5.42
C GLU C 26 14.65 -26.67 -5.49
N ARG C 27 15.02 -25.91 -4.48
CA ARG C 27 16.35 -25.32 -4.39
C ARG C 27 16.60 -24.32 -5.51
N ILE C 28 15.53 -23.72 -6.03
CA ILE C 28 15.65 -22.65 -7.02
C ILE C 28 15.57 -21.32 -6.27
N VAL C 29 16.54 -20.41 -6.52
CA VAL C 29 16.57 -19.06 -5.96
C VAL C 29 16.69 -18.07 -7.12
N PHE C 30 15.91 -16.99 -7.08
CA PHE C 30 15.92 -16.01 -8.16
C PHE C 30 16.56 -14.69 -7.77
N LEU C 31 17.29 -14.13 -8.73
CA LEU C 31 17.75 -12.73 -8.71
C LEU C 31 17.17 -12.06 -9.95
N VAL C 32 16.22 -11.18 -9.75
CA VAL C 32 15.51 -10.52 -10.83
C VAL C 32 15.54 -9.01 -10.62
N GLY C 33 15.96 -8.30 -11.65
CA GLY C 33 15.96 -6.86 -11.60
C GLY C 33 17.19 -6.36 -10.88
N PRO C 34 17.18 -5.08 -10.57
CA PRO C 34 18.39 -4.47 -9.99
C PRO C 34 18.81 -5.11 -8.69
N VAL C 35 20.13 -5.21 -8.53
CA VAL C 35 20.74 -5.65 -7.30
C VAL C 35 20.79 -4.46 -6.36
N THR C 36 20.03 -4.55 -5.28
CA THR C 36 19.97 -3.60 -4.19
C THR C 36 20.33 -4.30 -2.91
N ASP C 37 20.54 -3.51 -1.84
CA ASP C 37 20.82 -4.12 -0.54
C ASP C 37 19.74 -5.14 -0.18
N GLU C 38 18.47 -4.79 -0.43
CA GLU C 38 17.34 -5.63 -0.03
C GLU C 38 17.19 -6.85 -0.93
N SER C 39 17.34 -6.69 -2.25
CA SER C 39 17.17 -7.85 -3.11
C SER C 39 18.34 -8.82 -2.93
N ALA C 40 19.54 -8.27 -2.78
CA ALA C 40 20.71 -9.09 -2.50
C ALA C 40 20.59 -9.84 -1.17
N ASN C 41 20.12 -9.17 -0.13
CA ASN C 41 20.03 -9.85 1.15
C ASN C 41 18.95 -10.93 1.16
N LEU C 42 17.87 -10.74 0.39
CA LEU C 42 16.87 -11.80 0.29
C LEU C 42 17.47 -13.04 -0.34
N VAL C 43 18.35 -12.87 -1.32
CA VAL C 43 19.01 -14.01 -1.91
C VAL C 43 19.90 -14.69 -0.89
N VAL C 44 20.70 -13.90 -0.17
CA VAL C 44 21.56 -14.42 0.89
C VAL C 44 20.75 -15.30 1.84
N ALA C 45 19.57 -14.82 2.25
CA ALA C 45 18.74 -15.56 3.22
C ALA C 45 18.24 -16.88 2.64
N GLN C 46 17.87 -16.88 1.35
CA GLN C 46 17.48 -18.13 0.67
C GLN C 46 18.66 -19.09 0.56
N LEU C 47 19.84 -18.60 0.18
CA LEU C 47 21.01 -19.47 0.14
C LEU C 47 21.28 -20.05 1.52
N LEU C 48 21.21 -19.22 2.57
CA LEU C 48 21.50 -19.74 3.89
C LEU C 48 20.47 -20.79 4.30
N PHE C 49 19.20 -20.52 3.98
CA PHE C 49 18.14 -21.45 4.30
C PHE C 49 18.36 -22.79 3.61
N LEU C 50 18.65 -22.77 2.31
CA LEU C 50 18.85 -24.03 1.60
C LEU C 50 20.05 -24.80 2.16
N GLU C 51 21.09 -24.09 2.59
CA GLU C 51 22.21 -24.76 3.22
C GLU C 51 21.76 -25.45 4.50
N SER C 52 20.90 -24.79 5.27
CA SER C 52 20.40 -25.38 6.50
C SER C 52 19.56 -26.62 6.19
N GLU C 53 18.82 -26.60 5.08
CA GLU C 53 17.95 -27.72 4.75
C GLU C 53 18.75 -28.96 4.30
N ASN C 54 19.80 -28.77 3.52
CA ASN C 54 20.67 -29.85 3.08
C ASN C 54 21.97 -29.29 2.51
N PRO C 55 23.10 -29.44 3.21
CA PRO C 55 24.33 -28.75 2.78
C PRO C 55 25.07 -29.38 1.61
N ASP C 56 24.65 -30.54 1.10
CA ASP C 56 25.39 -31.16 0.01
C ASP C 56 24.71 -31.09 -1.36
N LYS C 57 23.43 -30.71 -1.44
CA LYS C 57 22.73 -30.73 -2.71
C LYS C 57 22.91 -29.37 -3.37
N ASP C 58 23.05 -29.39 -4.70
CA ASP C 58 23.25 -28.18 -5.49
C ASP C 58 22.09 -27.21 -5.29
N ILE C 59 22.40 -25.91 -5.43
CA ILE C 59 21.44 -24.83 -5.50
C ILE C 59 21.50 -24.26 -6.91
N PHE C 60 20.34 -23.88 -7.44
CA PHE C 60 20.19 -23.37 -8.79
C PHE C 60 19.76 -21.91 -8.69
N PHE C 61 20.67 -21.00 -9.04
CA PHE C 61 20.55 -19.56 -8.84
C PHE C 61 20.27 -18.96 -10.21
N TYR C 62 19.03 -18.57 -10.41
CA TYR C 62 18.57 -18.06 -11.68
C TYR C 62 18.66 -16.54 -11.68
N ILE C 63 19.33 -15.99 -12.70
CA ILE C 63 19.72 -14.58 -12.77
C ILE C 63 19.13 -13.97 -14.01
N ASN C 64 18.32 -12.92 -13.81
CA ASN C 64 17.87 -12.03 -14.88
C ASN C 64 17.96 -10.60 -14.33
N SER C 65 19.14 -10.01 -14.46
CA SER C 65 19.40 -8.82 -13.71
C SER C 65 20.30 -7.94 -14.55
N PRO C 66 20.07 -6.63 -14.56
CA PRO C 66 20.95 -5.68 -15.24
C PRO C 66 22.12 -5.20 -14.40
N GLY C 67 22.22 -5.68 -13.19
CA GLY C 67 23.25 -5.24 -12.27
C GLY C 67 22.68 -4.43 -11.14
N GLY C 68 23.55 -3.62 -10.53
CA GLY C 68 23.17 -2.80 -9.42
C GLY C 68 24.37 -2.58 -8.52
N SER C 69 24.14 -2.58 -7.21
CA SER C 69 25.16 -2.23 -6.24
C SER C 69 26.27 -3.28 -6.14
N VAL C 70 27.51 -2.79 -6.20
CA VAL C 70 28.67 -3.69 -6.14
C VAL C 70 28.74 -4.35 -4.78
N THR C 71 28.60 -3.57 -3.70
CA THR C 71 28.69 -4.17 -2.37
C THR C 71 27.50 -5.09 -2.08
N ALA C 72 26.30 -4.73 -2.52
CA ALA C 72 25.20 -5.66 -2.35
C ALA C 72 25.47 -6.97 -3.08
N GLY C 73 26.03 -6.89 -4.28
CA GLY C 73 26.39 -8.09 -5.01
C GLY C 73 27.49 -8.90 -4.37
N MET C 74 28.47 -8.21 -3.77
CA MET C 74 29.52 -8.97 -3.10
C MET C 74 28.95 -9.76 -1.93
N SER C 75 27.87 -9.27 -1.31
CA SER C 75 27.27 -10.02 -0.22
C SER C 75 26.71 -11.34 -0.72
N ILE C 76 26.14 -11.35 -1.93
CA ILE C 76 25.70 -12.60 -2.57
C ILE C 76 26.91 -13.49 -2.86
N TYR C 77 27.94 -12.94 -3.55
CA TYR C 77 29.17 -13.65 -3.89
C TYR C 77 29.81 -14.34 -2.69
N ASP C 78 30.04 -13.61 -1.62
CA ASP C 78 30.76 -14.21 -0.51
C ASP C 78 29.92 -15.33 0.11
N THR C 79 28.60 -15.15 0.08
CA THR C 79 27.69 -16.18 0.59
C THR C 79 27.75 -17.42 -0.29
N MET C 80 27.73 -17.24 -1.61
CA MET C 80 27.86 -18.37 -2.53
C MET C 80 29.12 -19.16 -2.25
N ASN C 81 30.24 -18.46 -2.07
CA ASN C 81 31.51 -19.14 -1.88
C ASN C 81 31.63 -19.70 -0.48
N PHE C 82 30.92 -19.10 0.47
CA PHE C 82 31.02 -19.49 1.87
C PHE C 82 30.30 -20.81 2.13
N ILE C 83 29.06 -20.95 1.68
CA ILE C 83 28.26 -22.13 2.05
C ILE C 83 28.77 -23.37 1.34
N LYS C 84 28.39 -24.54 1.90
CA LYS C 84 28.89 -25.80 1.36
C LYS C 84 28.28 -26.13 0.02
N PRO C 85 26.97 -25.95 -0.19
CA PRO C 85 26.39 -26.36 -1.47
C PRO C 85 27.07 -25.66 -2.63
N ASP C 86 27.28 -26.40 -3.72
CA ASP C 86 27.58 -25.77 -4.98
C ASP C 86 26.40 -24.89 -5.39
N VAL C 87 26.70 -23.68 -5.84
CA VAL C 87 25.68 -22.80 -6.40
C VAL C 87 25.85 -22.84 -7.91
N SER C 88 24.93 -23.52 -8.58
CA SER C 88 24.84 -23.48 -10.02
C SER C 88 24.09 -22.21 -10.41
N THR C 89 24.56 -21.55 -11.45
CA THR C 89 23.92 -20.33 -11.91
C THR C 89 23.29 -20.56 -13.27
N LEU C 90 22.20 -19.84 -13.51
CA LEU C 90 21.50 -19.88 -14.79
C LEU C 90 21.15 -18.45 -15.16
N CYS C 91 21.66 -18.01 -16.30
CA CYS C 91 21.27 -16.75 -16.88
C CYS C 91 20.03 -17.00 -17.72
N LEU C 92 18.95 -16.27 -17.41
CA LEU C 92 17.80 -16.17 -18.29
C LEU C 92 17.49 -14.70 -18.55
N GLY C 93 17.25 -14.37 -19.81
CA GLY C 93 17.03 -13.00 -20.22
C GLY C 93 18.36 -12.31 -20.35
N GLN C 94 18.87 -11.80 -19.23
CA GLN C 94 20.17 -11.16 -19.27
C GLN C 94 20.85 -11.24 -17.92
N ALA C 95 22.17 -11.15 -17.96
CA ALA C 95 22.99 -11.02 -16.76
C ALA C 95 24.02 -9.95 -17.12
N ALA C 96 23.83 -8.75 -16.60
CA ALA C 96 24.67 -7.61 -16.94
C ALA C 96 25.42 -7.11 -15.72
N SER C 97 26.63 -6.64 -15.95
CA SER C 97 27.42 -6.07 -14.87
C SER C 97 27.47 -7.03 -13.69
N MET C 98 27.04 -6.56 -12.52
CA MET C 98 27.12 -7.39 -11.33
C MET C 98 26.31 -8.67 -11.50
N GLY C 99 25.25 -8.63 -12.31
CA GLY C 99 24.55 -9.87 -12.63
C GLY C 99 25.43 -10.89 -13.34
N ALA C 100 26.19 -10.41 -14.35
CA ALA C 100 27.15 -11.27 -15.03
C ALA C 100 28.26 -11.68 -14.10
N PHE C 101 28.66 -10.78 -13.20
CA PHE C 101 29.65 -11.14 -12.20
C PHE C 101 29.19 -12.37 -11.41
N LEU C 102 27.93 -12.36 -10.95
CA LEU C 102 27.43 -13.46 -10.12
C LEU C 102 27.21 -14.72 -10.95
N LEU C 103 26.73 -14.57 -12.18
CA LEU C 103 26.65 -15.72 -13.09
C LEU C 103 27.99 -16.44 -13.18
N SER C 104 29.08 -15.67 -13.38
CA SER C 104 30.43 -16.21 -13.47
C SER C 104 30.98 -16.71 -12.13
N ALA C 105 30.37 -16.37 -11.00
CA ALA C 105 30.84 -16.87 -9.71
C ALA C 105 30.27 -18.24 -9.37
N GLY C 106 29.36 -18.74 -10.18
CA GLY C 106 28.80 -20.05 -9.93
C GLY C 106 29.87 -21.11 -9.97
N GLU C 107 29.56 -22.22 -9.27
CA GLU C 107 30.49 -23.34 -9.20
C GLU C 107 30.94 -23.72 -10.59
N LYS C 108 32.26 -23.72 -10.81
CA LYS C 108 32.80 -24.00 -12.12
C LYS C 108 32.29 -25.37 -12.59
N GLY C 109 31.83 -25.42 -13.85
CA GLY C 109 31.13 -26.59 -14.36
C GLY C 109 29.62 -26.55 -14.24
N LYS C 110 29.07 -25.64 -13.43
CA LYS C 110 27.63 -25.53 -13.22
C LYS C 110 27.11 -24.12 -13.51
N ARG C 111 27.79 -23.42 -14.41
CA ARG C 111 27.37 -22.10 -14.88
C ARG C 111 26.75 -22.27 -16.27
N PHE C 112 25.49 -21.88 -16.39
CA PHE C 112 24.71 -22.09 -17.58
C PHE C 112 24.00 -20.82 -18.04
N ALA C 113 23.63 -20.83 -19.33
CA ALA C 113 22.74 -19.85 -19.91
C ALA C 113 21.81 -20.55 -20.92
N LEU C 114 20.62 -20.00 -21.06
CA LEU C 114 19.71 -20.40 -22.12
C LEU C 114 20.14 -19.77 -23.44
N PRO C 115 19.68 -20.32 -24.56
CA PRO C 115 20.31 -19.97 -25.86
C PRO C 115 20.21 -18.51 -26.29
N ASN C 116 19.15 -17.80 -25.89
CA ASN C 116 18.96 -16.41 -26.29
C ASN C 116 19.17 -15.46 -25.12
N SER C 117 19.81 -15.95 -24.05
CA SER C 117 20.31 -15.11 -22.98
C SER C 117 21.42 -14.20 -23.51
N ARG C 118 21.62 -13.07 -22.83
CA ARG C 118 22.77 -12.23 -23.14
C ARG C 118 23.47 -11.78 -21.86
N ILE C 119 24.79 -11.71 -21.93
CA ILE C 119 25.61 -11.28 -20.82
C ILE C 119 26.28 -9.97 -21.21
N MET C 120 26.51 -9.11 -20.24
CA MET C 120 27.28 -7.91 -20.52
C MET C 120 28.20 -7.61 -19.34
N ILE C 121 29.42 -7.20 -19.67
CA ILE C 121 30.39 -6.87 -18.65
C ILE C 121 30.96 -5.49 -18.93
N HIS C 122 31.38 -4.83 -17.86
CA HIS C 122 31.96 -3.50 -17.94
C HIS C 122 32.63 -3.13 -16.62
N GLN C 123 33.37 -2.01 -16.66
CA GLN C 123 34.04 -1.49 -15.49
C GLN C 123 33.02 -0.76 -14.62
N PRO C 124 33.37 -0.48 -13.37
CA PRO C 124 32.41 0.19 -12.49
C PRO C 124 31.96 1.53 -13.04
N LEU C 125 30.78 1.92 -12.58
CA LEU C 125 30.07 3.11 -12.99
C LEU C 125 29.62 3.81 -11.72
N ILE C 126 29.50 5.12 -11.78
CA ILE C 126 28.91 5.87 -10.68
C ILE C 126 27.85 6.82 -11.23
N SER C 127 26.85 7.09 -10.39
CA SER C 127 25.96 8.24 -10.61
C SER C 127 25.75 9.05 -9.32
N GLY C 132 32.21 16.93 -3.56
CA GLY C 132 32.71 17.61 -2.37
C GLY C 132 34.11 18.19 -2.55
N GLN C 133 34.87 18.25 -1.47
CA GLN C 133 36.23 18.79 -1.54
C GLN C 133 37.14 17.86 -2.34
N ALA C 134 38.20 18.44 -2.92
CA ALA C 134 39.15 17.62 -3.66
C ALA C 134 39.72 16.48 -2.81
N SER C 135 39.97 16.71 -1.51
CA SER C 135 40.53 15.64 -0.67
C SER C 135 39.62 14.43 -0.63
N ASP C 136 38.32 14.68 -0.55
CA ASP C 136 37.32 13.62 -0.50
C ASP C 136 37.10 12.98 -1.87
N ILE C 137 37.08 13.80 -2.92
CA ILE C 137 36.99 13.27 -4.28
C ILE C 137 38.17 12.35 -4.55
N GLU C 138 39.36 12.71 -4.06
CA GLU C 138 40.53 11.85 -4.18
C GLU C 138 40.32 10.52 -3.47
N ILE C 139 39.78 10.54 -2.25
CA ILE C 139 39.60 9.27 -1.51
C ILE C 139 38.65 8.36 -2.27
N HIS C 140 37.53 8.89 -2.76
CA HIS C 140 36.54 8.03 -3.40
C HIS C 140 36.97 7.59 -4.80
N ALA C 141 37.72 8.44 -5.51
CA ALA C 141 38.27 7.98 -6.79
C ALA C 141 39.24 6.82 -6.59
N ARG C 142 40.10 6.89 -5.57
CA ARG C 142 41.03 5.80 -5.30
C ARG C 142 40.30 4.51 -4.92
N GLU C 143 39.27 4.61 -4.09
CA GLU C 143 38.48 3.43 -3.72
C GLU C 143 37.78 2.84 -4.94
N LEU C 144 37.27 3.69 -5.84
CA LEU C 144 36.62 3.18 -7.05
C LEU C 144 37.60 2.45 -7.96
N LEU C 145 38.84 2.96 -8.10
CA LEU C 145 39.83 2.26 -8.91
C LEU C 145 40.29 0.97 -8.23
N LYS C 146 40.29 0.95 -6.90
CA LYS C 146 40.55 -0.30 -6.19
C LYS C 146 39.45 -1.33 -6.51
N ILE C 147 38.20 -0.86 -6.54
CA ILE C 147 37.08 -1.74 -6.88
C ILE C 147 37.23 -2.26 -8.30
N LYS C 148 37.56 -1.39 -9.23
CA LYS C 148 37.75 -1.81 -10.61
C LYS C 148 38.80 -2.89 -10.70
N GLU C 149 39.93 -2.71 -10.02
CA GLU C 149 40.98 -3.70 -10.11
C GLU C 149 40.57 -5.00 -9.46
N LYS C 150 39.99 -4.92 -8.26
CA LYS C 150 39.62 -6.16 -7.56
C LYS C 150 38.62 -6.95 -8.39
N LEU C 151 37.61 -6.27 -8.95
CA LEU C 151 36.63 -6.98 -9.76
C LEU C 151 37.25 -7.58 -11.03
N ASN C 152 38.15 -6.86 -11.68
CA ASN C 152 38.82 -7.43 -12.85
C ASN C 152 39.63 -8.65 -12.44
N ARG C 153 40.29 -8.58 -11.27
CA ARG C 153 41.08 -9.71 -10.80
C ARG C 153 40.20 -10.93 -10.56
N LEU C 154 39.03 -10.73 -9.93
CA LEU C 154 38.13 -11.85 -9.65
C LEU C 154 37.52 -12.43 -10.92
N MET C 155 37.09 -11.56 -11.84
CA MET C 155 36.52 -12.03 -13.11
C MET C 155 37.54 -12.83 -13.92
N ALA C 156 38.77 -12.35 -13.99
CA ALA C 156 39.80 -13.12 -14.70
C ALA C 156 39.94 -14.52 -14.13
N LYS C 157 39.85 -14.64 -12.80
CA LYS C 157 39.91 -15.95 -12.16
C LYS C 157 38.69 -16.78 -12.50
N HIS C 158 37.50 -16.17 -12.44
CA HIS C 158 36.30 -16.92 -12.76
C HIS C 158 36.38 -17.47 -14.17
N CYS C 159 36.89 -16.66 -15.09
CA CYS C 159 36.92 -17.00 -16.50
C CYS C 159 38.19 -17.77 -16.89
N ASP C 160 39.10 -18.03 -15.94
CA ASP C 160 40.38 -18.69 -16.25
C ASP C 160 41.09 -17.96 -17.39
N ARG C 161 41.19 -16.64 -17.24
CA ARG C 161 41.79 -15.76 -18.21
C ARG C 161 42.78 -14.84 -17.52
N ASP C 162 43.59 -14.15 -18.33
CA ASP C 162 44.55 -13.20 -17.82
C ASP C 162 43.86 -11.89 -17.48
N LEU C 163 44.34 -11.25 -16.41
CA LEU C 163 43.78 -9.97 -15.99
C LEU C 163 43.80 -8.95 -17.11
N ALA C 164 44.87 -8.90 -17.88
CA ALA C 164 44.94 -7.88 -18.92
C ALA C 164 43.82 -8.05 -19.93
N ASP C 165 43.34 -9.29 -20.15
CA ASP C 165 42.19 -9.50 -21.02
C ASP C 165 40.93 -8.88 -20.43
N LEU C 166 40.69 -9.07 -19.13
CA LEU C 166 39.52 -8.47 -18.50
C LEU C 166 39.62 -6.94 -18.49
N GLU C 167 40.80 -6.41 -18.18
CA GLU C 167 40.97 -4.96 -18.21
C GLU C 167 40.59 -4.43 -19.59
N ARG C 168 41.10 -5.09 -20.65
CA ARG C 168 40.82 -4.66 -22.01
C ARG C 168 39.34 -4.81 -22.33
N ASP C 169 38.75 -5.92 -21.91
CA ASP C 169 37.44 -6.31 -22.40
C ASP C 169 36.30 -5.68 -21.60
N THR C 170 36.58 -4.93 -20.54
CA THR C 170 35.56 -4.25 -19.77
C THR C 170 35.68 -2.72 -19.83
N ASP C 171 36.52 -2.18 -20.71
CA ASP C 171 36.68 -0.72 -20.73
C ASP C 171 35.35 -0.02 -21.07
N ARG C 172 34.57 -0.60 -21.97
CA ARG C 172 33.24 -0.13 -22.23
C ARG C 172 32.31 -1.35 -22.18
N ASP C 173 31.02 -1.08 -22.27
CA ASP C 173 30.05 -2.16 -22.28
C ASP C 173 30.43 -3.21 -23.31
N ASN C 174 30.41 -4.47 -22.87
CA ASN C 174 30.83 -5.61 -23.67
C ASN C 174 29.68 -6.61 -23.65
N PHE C 175 28.86 -6.59 -24.68
CA PHE C 175 27.75 -7.52 -24.78
C PHE C 175 28.18 -8.85 -25.40
N MET C 176 27.69 -9.96 -24.84
CA MET C 176 28.08 -11.28 -25.32
C MET C 176 26.85 -12.16 -25.42
N SER C 177 26.72 -12.85 -26.53
CA SER C 177 25.75 -13.92 -26.64
C SER C 177 26.12 -15.05 -25.67
N ALA C 178 25.22 -16.03 -25.53
CA ALA C 178 25.52 -17.15 -24.67
C ALA C 178 26.74 -17.90 -25.17
N GLU C 179 26.87 -18.04 -26.49
CA GLU C 179 28.00 -18.74 -27.09
C GLU C 179 29.29 -17.98 -26.85
N GLU C 180 29.25 -16.66 -26.97
CA GLU C 180 30.40 -15.81 -26.69
C GLU C 180 30.78 -15.83 -25.20
N ALA C 181 29.80 -15.79 -24.30
CA ALA C 181 30.09 -15.86 -22.87
C ALA C 181 30.67 -17.22 -22.50
N LYS C 182 30.24 -18.29 -23.15
CA LYS C 182 30.83 -19.60 -22.88
C LYS C 182 32.29 -19.66 -23.34
N GLU C 183 32.57 -19.20 -24.56
CA GLU C 183 33.95 -19.22 -24.99
C GLU C 183 34.82 -18.38 -24.05
N TYR C 184 34.27 -17.29 -23.52
CA TYR C 184 35.08 -16.40 -22.68
C TYR C 184 35.50 -17.07 -21.37
N GLY C 185 34.76 -18.08 -20.94
CA GLY C 185 35.02 -18.67 -19.65
C GLY C 185 34.07 -18.19 -18.59
N LEU C 186 33.07 -17.40 -18.97
CA LEU C 186 32.12 -16.84 -18.01
C LEU C 186 31.05 -17.85 -17.67
N ILE C 187 30.68 -18.69 -18.64
CA ILE C 187 29.75 -19.78 -18.42
C ILE C 187 30.41 -21.05 -18.95
N ASP C 188 29.81 -22.18 -18.59
CA ASP C 188 30.30 -23.51 -18.96
C ASP C 188 29.53 -24.13 -20.09
N GLN C 189 28.21 -24.02 -20.07
CA GLN C 189 27.39 -24.69 -21.05
C GLN C 189 26.15 -23.86 -21.32
N ILE C 190 25.63 -24.02 -22.54
CA ILE C 190 24.35 -23.47 -22.96
C ILE C 190 23.35 -24.60 -22.93
N LEU C 191 22.20 -24.36 -22.32
CA LEU C 191 21.19 -25.38 -22.14
C LEU C 191 19.94 -25.05 -22.95
N GLU C 192 19.64 -25.88 -23.94
CA GLU C 192 18.40 -25.74 -24.69
C GLU C 192 17.27 -26.44 -23.96
N ASN C 193 17.56 -27.63 -23.45
CA ASN C 193 16.64 -28.38 -22.61
C ASN C 193 17.51 -29.23 -21.70
N ARG C 194 16.88 -30.15 -20.98
CA ARG C 194 17.61 -31.07 -20.12
C ARG C 194 18.26 -32.22 -20.89
N ALA C 195 18.56 -32.00 -22.17
CA ALA C 195 19.31 -32.94 -22.96
C ALA C 195 20.56 -32.30 -23.56
N SER C 196 20.64 -30.96 -23.55
CA SER C 196 21.88 -30.29 -23.94
C SER C 196 22.99 -30.52 -22.92
N LEU C 197 22.68 -31.14 -21.77
CA LEU C 197 23.73 -31.42 -20.79
C LEU C 197 24.52 -32.68 -21.17
N VAL D 3 8.66 -12.04 0.73
CA VAL D 3 9.57 -12.81 1.58
C VAL D 3 9.15 -14.27 1.64
N PRO D 4 9.91 -15.15 0.99
CA PRO D 4 9.43 -16.54 0.79
C PRO D 4 9.22 -17.28 2.11
N THR D 5 7.97 -17.65 2.35
CA THR D 5 7.64 -18.58 3.42
C THR D 5 8.20 -19.96 3.10
N VAL D 6 8.37 -20.79 4.14
CA VAL D 6 8.97 -22.11 3.95
C VAL D 6 8.37 -23.14 4.91
N PHE D 17 7.06 -20.34 8.02
CA PHE D 17 7.42 -18.96 8.33
C PHE D 17 8.02 -18.27 7.09
N ASP D 18 7.88 -16.94 7.01
CA ASP D 18 8.68 -16.17 6.07
C ASP D 18 10.16 -16.42 6.35
N ILE D 19 11.00 -16.18 5.34
CA ILE D 19 12.38 -16.65 5.38
C ILE D 19 13.14 -15.98 6.51
N TYR D 20 12.89 -14.68 6.75
CA TYR D 20 13.63 -14.00 7.80
C TYR D 20 13.19 -14.45 9.19
N SER D 21 11.88 -14.73 9.37
CA SER D 21 11.42 -15.31 10.64
C SER D 21 12.00 -16.70 10.83
N ARG D 22 12.11 -17.46 9.74
CA ARG D 22 12.76 -18.75 9.81
C ARG D 22 14.21 -18.63 10.27
N LEU D 23 14.95 -17.62 9.78
CA LEU D 23 16.35 -17.50 10.18
C LEU D 23 16.48 -16.96 11.60
N LEU D 24 15.51 -16.18 12.07
CA LEU D 24 15.51 -15.75 13.47
C LEU D 24 15.39 -16.92 14.43
N LYS D 25 14.74 -18.00 14.01
CA LYS D 25 14.72 -19.20 14.85
C LYS D 25 16.12 -19.79 15.01
N GLU D 26 17.01 -19.58 14.04
CA GLU D 26 18.40 -19.97 14.18
C GLU D 26 19.24 -18.87 14.83
N ARG D 27 18.56 -17.87 15.42
CA ARG D 27 19.18 -16.74 16.15
C ARG D 27 20.03 -15.84 15.24
N ILE D 28 19.63 -15.71 13.99
CA ILE D 28 20.23 -14.79 13.05
C ILE D 28 19.35 -13.53 12.96
N VAL D 29 19.98 -12.36 13.09
CA VAL D 29 19.32 -11.07 12.97
C VAL D 29 20.05 -10.26 11.90
N PHE D 30 19.29 -9.63 11.00
CA PHE D 30 19.85 -8.81 9.92
C PHE D 30 19.63 -7.31 10.17
N LEU D 31 20.63 -6.51 9.82
CA LEU D 31 20.56 -5.07 9.63
C LEU D 31 20.99 -4.79 8.18
N VAL D 32 20.04 -4.35 7.35
CA VAL D 32 20.24 -4.18 5.92
C VAL D 32 19.80 -2.78 5.52
N GLY D 33 20.67 -2.07 4.83
CA GLY D 33 20.35 -0.73 4.40
C GLY D 33 20.51 0.29 5.51
N PRO D 34 19.99 1.49 5.28
CA PRO D 34 20.17 2.58 6.23
C PRO D 34 19.60 2.32 7.62
N VAL D 35 20.34 2.83 8.60
CA VAL D 35 19.95 2.77 10.01
C VAL D 35 19.00 3.93 10.30
N THR D 36 17.75 3.61 10.59
CA THR D 36 16.72 4.54 11.03
C THR D 36 16.13 4.08 12.36
N ASP D 37 15.34 4.97 12.97
CA ASP D 37 14.64 4.63 14.21
C ASP D 37 13.88 3.30 14.06
N GLU D 38 13.18 3.14 12.95
CA GLU D 38 12.34 1.97 12.77
C GLU D 38 13.17 0.74 12.47
N SER D 39 14.19 0.84 11.62
CA SER D 39 14.98 -0.35 11.36
C SER D 39 15.80 -0.73 12.58
N ALA D 40 16.28 0.28 13.32
CA ALA D 40 17.02 0.02 14.54
C ALA D 40 16.13 -0.63 15.59
N ASN D 41 14.93 -0.11 15.80
CA ASN D 41 14.14 -0.70 16.87
C ASN D 41 13.71 -2.14 16.55
N LEU D 42 13.44 -2.44 15.28
CA LEU D 42 13.15 -3.82 14.90
C LEU D 42 14.33 -4.75 15.20
N VAL D 43 15.57 -4.27 15.02
CA VAL D 43 16.72 -5.07 15.41
C VAL D 43 16.72 -5.27 16.92
N VAL D 44 16.54 -4.17 17.65
CA VAL D 44 16.45 -4.21 19.11
C VAL D 44 15.44 -5.25 19.57
N ALA D 45 14.26 -5.23 18.97
CA ALA D 45 13.18 -6.10 19.39
C ALA D 45 13.54 -7.55 19.20
N GLN D 46 14.22 -7.86 18.10
CA GLN D 46 14.68 -9.22 17.88
C GLN D 46 15.71 -9.61 18.92
N LEU D 47 16.63 -8.70 19.24
CA LEU D 47 17.62 -8.99 20.28
C LEU D 47 16.92 -9.32 21.60
N LEU D 48 15.92 -8.52 21.99
CA LEU D 48 15.22 -8.76 23.25
C LEU D 48 14.48 -10.09 23.19
N PHE D 49 13.85 -10.39 22.07
CA PHE D 49 13.15 -11.66 21.92
C PHE D 49 14.09 -12.84 22.05
N LEU D 50 15.25 -12.79 21.37
CA LEU D 50 16.15 -13.96 21.41
C LEU D 50 16.69 -14.18 22.82
N GLU D 51 16.94 -13.09 23.54
CA GLU D 51 17.34 -13.21 24.93
C GLU D 51 16.24 -13.90 25.72
N SER D 52 14.99 -13.54 25.44
CA SER D 52 13.90 -14.18 26.15
C SER D 52 13.81 -15.66 25.79
N GLU D 53 14.04 -16.00 24.53
CA GLU D 53 14.00 -17.40 24.12
C GLU D 53 15.11 -18.19 24.79
N ASN D 54 16.29 -17.61 24.88
CA ASN D 54 17.41 -18.29 25.53
C ASN D 54 18.48 -17.27 25.85
N PRO D 55 18.65 -16.90 27.13
CA PRO D 55 19.60 -15.85 27.48
C PRO D 55 21.07 -16.27 27.45
N ASP D 56 21.38 -17.53 27.19
CA ASP D 56 22.76 -17.98 27.22
C ASP D 56 23.34 -18.34 25.87
N LYS D 57 22.53 -18.42 24.82
CA LYS D 57 23.02 -18.83 23.50
C LYS D 57 23.40 -17.61 22.67
N ASP D 58 24.49 -17.74 21.90
CA ASP D 58 24.99 -16.67 21.05
C ASP D 58 23.89 -16.17 20.11
N ILE D 59 23.99 -14.92 19.73
CA ILE D 59 23.14 -14.34 18.69
C ILE D 59 24.05 -13.94 17.55
N PHE D 60 23.58 -14.10 16.31
CA PHE D 60 24.38 -13.80 15.11
C PHE D 60 23.76 -12.61 14.36
N PHE D 61 24.48 -11.49 14.34
CA PHE D 61 24.00 -10.19 13.84
C PHE D 61 24.72 -9.89 12.53
N TYR D 62 24.00 -10.04 11.43
CA TYR D 62 24.54 -9.87 10.09
C TYR D 62 24.27 -8.43 9.64
N ILE D 63 25.33 -7.73 9.25
CA ILE D 63 25.25 -6.30 8.98
C ILE D 63 25.66 -6.05 7.55
N ASN D 64 24.79 -5.40 6.78
CA ASN D 64 25.06 -4.89 5.43
C ASN D 64 24.44 -3.51 5.38
N SER D 65 25.23 -2.48 5.74
CA SER D 65 24.65 -1.15 5.95
C SER D 65 25.60 -0.03 5.60
N PRO D 66 25.10 1.04 4.99
CA PRO D 66 25.92 2.25 4.80
C PRO D 66 25.97 3.16 6.01
N GLY D 67 25.26 2.82 7.07
CA GLY D 67 25.16 3.72 8.19
C GLY D 67 23.79 4.35 8.31
N GLY D 68 23.75 5.53 8.95
CA GLY D 68 22.52 6.23 9.19
C GLY D 68 22.49 6.97 10.51
N SER D 69 21.34 6.93 11.17
CA SER D 69 21.09 7.77 12.34
C SER D 69 21.98 7.34 13.51
N VAL D 70 22.62 8.32 14.16
CA VAL D 70 23.50 8.00 15.27
C VAL D 70 22.70 7.53 16.49
N THR D 71 21.62 8.25 16.84
CA THR D 71 20.87 7.81 18.02
C THR D 71 20.23 6.42 17.80
N ALA D 72 19.73 6.16 16.59
CA ALA D 72 19.15 4.85 16.29
C ALA D 72 20.21 3.76 16.39
N GLY D 73 21.40 4.02 15.87
CA GLY D 73 22.48 3.08 16.02
C GLY D 73 22.83 2.84 17.48
N MET D 74 22.80 3.89 18.30
CA MET D 74 23.13 3.73 19.71
C MET D 74 22.13 2.85 20.43
N SER D 75 20.87 2.85 19.99
CA SER D 75 19.88 1.95 20.61
C SER D 75 20.29 0.51 20.41
N ILE D 76 20.81 0.19 19.23
CA ILE D 76 21.29 -1.16 18.94
C ILE D 76 22.52 -1.45 19.78
N TYR D 77 23.53 -0.57 19.72
CA TYR D 77 24.75 -0.79 20.48
C TYR D 77 24.48 -1.09 21.96
N ASP D 78 23.70 -0.23 22.62
CA ASP D 78 23.44 -0.39 24.03
C ASP D 78 22.64 -1.66 24.32
N THR D 79 21.71 -2.02 23.43
CA THR D 79 20.99 -3.27 23.63
C THR D 79 21.91 -4.47 23.50
N MET D 80 22.80 -4.45 22.51
CA MET D 80 23.78 -5.53 22.35
C MET D 80 24.59 -5.72 23.64
N ASN D 81 25.02 -4.60 24.24
CA ASN D 81 25.83 -4.69 25.46
C ASN D 81 25.00 -5.11 26.68
N PHE D 82 23.69 -4.79 26.66
CA PHE D 82 22.82 -5.03 27.82
C PHE D 82 22.47 -6.48 27.97
N ILE D 83 22.07 -7.10 26.88
CA ILE D 83 21.51 -8.43 26.98
C ILE D 83 22.59 -9.45 27.32
N LYS D 84 22.12 -10.56 27.90
CA LYS D 84 23.06 -11.56 28.37
C LYS D 84 23.73 -12.28 27.21
N PRO D 85 23.03 -12.72 26.18
CA PRO D 85 23.71 -13.43 25.10
C PRO D 85 24.80 -12.56 24.49
N ASP D 86 25.90 -13.21 24.14
CA ASP D 86 26.90 -12.62 23.25
C ASP D 86 26.28 -12.31 21.89
N VAL D 87 26.52 -11.12 21.37
CA VAL D 87 26.10 -10.79 20.01
C VAL D 87 27.34 -10.85 19.11
N SER D 88 27.46 -11.90 18.31
CA SER D 88 28.51 -12.03 17.29
C SER D 88 28.08 -11.24 16.06
N THR D 89 29.03 -10.51 15.45
CA THR D 89 28.73 -9.65 14.30
C THR D 89 29.42 -10.18 13.06
N LEU D 90 28.76 -9.98 11.91
CA LEU D 90 29.27 -10.41 10.60
C LEU D 90 28.96 -9.37 9.54
N CYS D 91 29.98 -8.82 8.93
CA CYS D 91 29.81 -7.91 7.81
C CYS D 91 29.70 -8.68 6.51
N LEU D 92 28.60 -8.47 5.77
CA LEU D 92 28.50 -8.97 4.40
C LEU D 92 28.19 -7.79 3.51
N GLY D 93 28.89 -7.70 2.39
CA GLY D 93 28.73 -6.54 1.53
C GLY D 93 29.50 -5.36 2.06
N GLN D 94 28.91 -4.66 3.03
CA GLN D 94 29.62 -3.53 3.63
C GLN D 94 29.10 -3.18 5.02
N ALA D 95 29.97 -2.50 5.79
CA ALA D 95 29.59 -1.89 7.06
C ALA D 95 30.28 -0.53 7.09
N ALA D 96 29.53 0.54 6.86
CA ALA D 96 30.08 1.90 6.80
C ALA D 96 29.45 2.78 7.88
N SER D 97 30.26 3.67 8.45
CA SER D 97 29.82 4.59 9.50
C SER D 97 29.15 3.79 10.59
N MET D 98 27.90 4.10 10.96
CA MET D 98 27.27 3.40 12.07
C MET D 98 27.24 1.89 11.84
N GLY D 99 27.20 1.45 10.58
CA GLY D 99 27.35 0.04 10.29
C GLY D 99 28.67 -0.51 10.79
N ALA D 100 29.74 0.24 10.56
CA ALA D 100 31.04 -0.17 11.05
C ALA D 100 31.13 -0.10 12.56
N PHE D 101 30.55 0.94 13.16
CA PHE D 101 30.54 1.08 14.62
C PHE D 101 29.91 -0.15 15.24
N LEU D 102 28.77 -0.57 14.70
CA LEU D 102 28.07 -1.72 15.24
C LEU D 102 28.80 -3.03 14.98
N LEU D 103 29.38 -3.18 13.79
CA LEU D 103 30.21 -4.33 13.50
C LEU D 103 31.31 -4.47 14.52
N SER D 104 32.00 -3.36 14.80
CA SER D 104 33.11 -3.40 15.73
C SER D 104 32.67 -3.62 17.17
N ALA D 105 31.36 -3.52 17.48
CA ALA D 105 30.80 -3.64 18.80
C ALA D 105 30.42 -5.07 19.17
N GLY D 106 30.51 -5.98 18.23
CA GLY D 106 30.23 -7.37 18.53
C GLY D 106 31.13 -7.92 19.62
N GLU D 107 30.68 -9.01 20.21
CA GLU D 107 31.48 -9.66 21.23
C GLU D 107 32.91 -9.88 20.76
N LYS D 108 33.88 -9.40 21.52
CA LYS D 108 35.28 -9.54 21.09
C LYS D 108 35.63 -11.01 20.93
N GLY D 109 36.28 -11.32 19.81
CA GLY D 109 36.53 -12.67 19.41
C GLY D 109 35.50 -13.24 18.46
N LYS D 110 34.35 -12.57 18.33
CA LYS D 110 33.26 -13.07 17.49
C LYS D 110 32.80 -12.03 16.48
N ARG D 111 33.71 -11.13 16.10
CA ARG D 111 33.46 -10.10 15.09
C ARG D 111 34.10 -10.58 13.79
N PHE D 112 33.30 -10.69 12.73
CA PHE D 112 33.73 -11.35 11.50
C PHE D 112 33.41 -10.52 10.25
N ALA D 113 34.14 -10.81 9.17
CA ALA D 113 33.78 -10.25 7.87
C ALA D 113 33.97 -11.31 6.79
N LEU D 114 33.12 -11.26 5.75
CA LEU D 114 33.41 -12.11 4.60
C LEU D 114 34.51 -11.48 3.75
N PRO D 115 35.15 -12.28 2.88
CA PRO D 115 36.43 -11.82 2.29
C PRO D 115 36.38 -10.52 1.47
N ASN D 116 35.26 -10.20 0.83
CA ASN D 116 35.17 -9.00 -0.02
C ASN D 116 34.26 -7.94 0.58
N SER D 117 34.04 -8.01 1.88
CA SER D 117 33.36 -6.92 2.57
C SER D 117 34.18 -5.65 2.48
N ARG D 118 33.49 -4.55 2.64
CA ARG D 118 34.11 -3.23 2.75
C ARG D 118 33.66 -2.57 4.03
N ILE D 119 34.62 -1.97 4.74
CA ILE D 119 34.33 -1.27 5.99
C ILE D 119 34.68 0.18 5.76
N MET D 120 33.98 1.08 6.45
CA MET D 120 34.38 2.49 6.37
C MET D 120 34.05 3.22 7.65
N ILE D 121 34.98 4.03 8.12
CA ILE D 121 34.75 4.82 9.30
C ILE D 121 35.04 6.27 8.95
N HIS D 122 34.35 7.17 9.63
CA HIS D 122 34.54 8.60 9.42
C HIS D 122 33.89 9.35 10.56
N GLN D 123 34.12 10.65 10.61
CA GLN D 123 33.53 11.48 11.65
C GLN D 123 32.10 11.85 11.31
N PRO D 124 31.34 12.34 12.29
CA PRO D 124 29.93 12.66 12.02
C PRO D 124 29.81 13.70 10.92
N LEU D 125 28.72 13.59 10.19
CA LEU D 125 28.41 14.54 9.14
C LEU D 125 26.95 14.84 9.37
N ILE D 126 26.54 16.04 8.98
CA ILE D 126 25.15 16.44 9.10
C ILE D 126 24.65 17.00 7.78
N SER D 127 23.35 16.84 7.57
CA SER D 127 22.58 17.54 6.54
C SER D 127 22.51 19.03 6.85
N GLY D 132 19.19 28.21 12.59
CA GLY D 132 18.66 29.20 13.49
C GLY D 132 19.59 30.35 13.91
N GLN D 133 19.35 30.80 15.15
CA GLN D 133 20.15 31.84 15.76
C GLN D 133 21.55 31.35 16.08
N ALA D 134 22.50 32.27 16.16
CA ALA D 134 23.86 31.84 16.50
C ALA D 134 23.90 31.06 17.82
N SER D 135 23.13 31.47 18.84
CA SER D 135 23.12 30.77 20.11
C SER D 135 22.74 29.30 19.95
N ASP D 136 21.76 29.03 19.08
CA ASP D 136 21.33 27.64 18.86
C ASP D 136 22.34 26.84 18.05
N ILE D 137 22.94 27.46 17.02
CA ILE D 137 24.00 26.81 16.26
C ILE D 137 25.17 26.46 17.17
N GLU D 138 25.50 27.36 18.09
CA GLU D 138 26.56 27.08 19.05
C GLU D 138 26.20 25.84 19.87
N ILE D 139 24.96 25.76 20.34
CA ILE D 139 24.56 24.64 21.17
C ILE D 139 24.65 23.34 20.38
N HIS D 140 24.15 23.34 19.14
CA HIS D 140 24.20 22.12 18.34
C HIS D 140 25.60 21.81 17.83
N ALA D 141 26.43 22.82 17.59
CA ALA D 141 27.80 22.52 17.21
C ALA D 141 28.57 21.89 18.37
N ARG D 142 28.37 22.39 19.57
CA ARG D 142 29.03 21.79 20.72
C ARG D 142 28.58 20.35 20.90
N GLU D 143 27.27 20.09 20.73
CA GLU D 143 26.78 18.72 20.89
C GLU D 143 27.38 17.80 19.82
N LEU D 144 27.48 18.29 18.58
CA LEU D 144 28.02 17.48 17.50
C LEU D 144 29.46 17.12 17.79
N LEU D 145 30.24 18.08 18.33
CA LEU D 145 31.62 17.76 18.65
C LEU D 145 31.75 16.77 19.80
N LYS D 146 30.84 16.84 20.79
CA LYS D 146 30.81 15.84 21.86
C LYS D 146 30.52 14.45 21.29
N ILE D 147 29.57 14.37 20.36
CA ILE D 147 29.25 13.10 19.69
C ILE D 147 30.47 12.58 18.95
N LYS D 148 31.15 13.44 18.17
CA LYS D 148 32.36 13.02 17.47
C LYS D 148 33.37 12.46 18.48
N GLU D 149 33.52 13.13 19.60
CA GLU D 149 34.51 12.71 20.57
C GLU D 149 34.14 11.37 21.21
N LYS D 150 32.88 11.21 21.59
CA LYS D 150 32.40 9.97 22.22
C LYS D 150 32.54 8.79 21.27
N LEU D 151 32.20 8.96 19.98
CA LEU D 151 32.34 7.85 19.04
C LEU D 151 33.80 7.49 18.84
N ASN D 152 34.70 8.48 18.80
CA ASN D 152 36.11 8.14 18.65
C ASN D 152 36.61 7.34 19.87
N ARG D 153 36.21 7.75 21.07
CA ARG D 153 36.60 7.05 22.30
C ARG D 153 36.04 5.63 22.37
N LEU D 154 34.77 5.45 22.00
CA LEU D 154 34.16 4.13 22.03
C LEU D 154 34.82 3.21 21.00
N MET D 155 35.06 3.73 19.79
CA MET D 155 35.70 2.96 18.73
C MET D 155 37.12 2.58 19.08
N ALA D 156 37.85 3.49 19.73
CA ALA D 156 39.19 3.15 20.14
C ALA D 156 39.16 1.96 21.07
N LYS D 157 38.15 1.91 21.94
CA LYS D 157 38.00 0.80 22.88
C LYS D 157 37.68 -0.49 22.14
N HIS D 158 36.76 -0.42 21.16
CA HIS D 158 36.43 -1.63 20.40
C HIS D 158 37.66 -2.14 19.66
N CYS D 159 38.50 -1.23 19.14
CA CYS D 159 39.60 -1.58 18.26
C CYS D 159 40.89 -1.80 19.03
N ASP D 160 40.86 -1.62 20.35
CA ASP D 160 42.06 -1.74 21.19
C ASP D 160 43.18 -0.87 20.64
N ARG D 161 42.84 0.38 20.40
CA ARG D 161 43.77 1.32 19.81
C ARG D 161 43.77 2.62 20.59
N ASP D 162 44.74 3.47 20.28
CA ASP D 162 44.83 4.76 20.94
C ASP D 162 43.76 5.69 20.39
N LEU D 163 43.22 6.50 21.28
CA LEU D 163 42.26 7.50 20.85
C LEU D 163 42.83 8.37 19.74
N ALA D 164 44.13 8.71 19.83
CA ALA D 164 44.71 9.55 18.80
C ALA D 164 44.66 8.85 17.44
N ASP D 165 44.68 7.50 17.42
CA ASP D 165 44.57 6.82 16.14
C ASP D 165 43.19 7.07 15.55
N LEU D 166 42.14 6.92 16.37
CA LEU D 166 40.80 7.13 15.84
C LEU D 166 40.57 8.57 15.42
N GLU D 167 41.08 9.55 16.17
CA GLU D 167 40.97 10.94 15.74
C GLU D 167 41.61 11.15 14.36
N ARG D 168 42.79 10.56 14.15
CA ARG D 168 43.47 10.67 12.86
C ARG D 168 42.71 9.99 11.75
N ASP D 169 42.20 8.79 12.02
CA ASP D 169 41.73 7.88 10.99
C ASP D 169 40.26 8.08 10.63
N THR D 170 39.56 9.00 11.28
CA THR D 170 38.19 9.31 10.95
C THR D 170 38.02 10.74 10.45
N ASP D 171 39.12 11.47 10.23
CA ASP D 171 38.99 12.85 9.80
C ASP D 171 38.28 12.95 8.45
N ARG D 172 38.56 12.01 7.54
CA ARG D 172 37.86 11.86 6.28
C ARG D 172 37.50 10.38 6.11
N ASP D 173 36.76 10.07 5.07
CA ASP D 173 36.34 8.68 4.81
C ASP D 173 37.53 7.74 4.77
N ASN D 174 37.44 6.66 5.55
CA ASN D 174 38.55 5.72 5.66
C ASN D 174 38.02 4.35 5.28
N PHE D 175 38.24 3.97 4.02
CA PHE D 175 37.76 2.70 3.48
C PHE D 175 38.78 1.61 3.76
N MET D 176 38.29 0.46 4.21
CA MET D 176 39.14 -0.63 4.63
C MET D 176 38.65 -1.94 4.05
N SER D 177 39.60 -2.69 3.52
CA SER D 177 39.36 -4.08 3.17
C SER D 177 39.15 -4.89 4.45
N ALA D 178 38.71 -6.12 4.27
CA ALA D 178 38.50 -6.99 5.42
C ALA D 178 39.79 -7.21 6.18
N GLU D 179 40.89 -7.41 5.46
CA GLU D 179 42.14 -7.61 6.18
C GLU D 179 42.55 -6.35 6.91
N GLU D 180 42.39 -5.19 6.28
CA GLU D 180 42.74 -3.94 6.94
C GLU D 180 41.89 -3.73 8.19
N ALA D 181 40.61 -4.10 8.13
CA ALA D 181 39.78 -3.95 9.32
C ALA D 181 40.22 -4.90 10.44
N LYS D 182 40.64 -6.12 10.10
CA LYS D 182 41.11 -7.04 11.13
C LYS D 182 42.40 -6.51 11.78
N GLU D 183 43.34 -6.07 10.96
CA GLU D 183 44.56 -5.50 11.52
C GLU D 183 44.25 -4.26 12.33
N TYR D 184 43.22 -3.52 11.96
CA TYR D 184 42.91 -2.32 12.71
C TYR D 184 42.38 -2.62 14.10
N GLY D 185 41.82 -3.81 14.32
CA GLY D 185 41.20 -4.18 15.56
C GLY D 185 39.69 -4.13 15.50
N LEU D 186 39.13 -3.84 14.32
CA LEU D 186 37.69 -3.63 14.12
C LEU D 186 36.90 -4.93 14.05
N ILE D 187 37.49 -5.99 13.52
CA ILE D 187 36.93 -7.32 13.53
C ILE D 187 38.01 -8.27 14.09
N ASP D 188 37.60 -9.50 14.38
CA ASP D 188 38.52 -10.50 14.90
C ASP D 188 39.01 -11.48 13.86
N GLN D 189 38.14 -11.94 12.97
CA GLN D 189 38.51 -12.92 11.97
C GLN D 189 37.76 -12.69 10.67
N ILE D 190 38.40 -13.07 9.56
CA ILE D 190 37.78 -13.14 8.23
C ILE D 190 37.42 -14.59 7.93
N LEU D 191 36.18 -14.82 7.55
CA LEU D 191 35.71 -16.17 7.28
C LEU D 191 35.43 -16.30 5.78
N GLU D 192 36.20 -17.15 5.10
CA GLU D 192 35.93 -17.44 3.70
C GLU D 192 34.87 -18.54 3.56
N ASN D 193 34.92 -19.55 4.42
CA ASN D 193 33.92 -20.61 4.42
C ASN D 193 33.80 -21.16 5.85
N ARG D 194 33.28 -22.38 5.96
CA ARG D 194 33.10 -22.98 7.29
C ARG D 194 34.43 -23.27 7.95
N ALA D 195 35.34 -23.93 7.23
CA ALA D 195 36.68 -24.20 7.73
C ALA D 195 37.27 -23.11 8.61
N SER D 196 36.91 -21.84 8.40
CA SER D 196 37.51 -20.78 9.19
C SER D 196 37.00 -20.83 10.64
N LEU D 197 37.47 -19.88 11.46
CA LEU D 197 37.02 -19.58 12.82
C LEU D 197 38.21 -19.51 13.78
N ARG D 198 38.98 -20.59 13.87
CA ARG D 198 40.14 -20.62 14.76
C ARG D 198 39.73 -20.29 16.20
N ASP E 18 3.82 -11.71 15.35
CA ASP E 18 4.73 -10.62 14.97
C ASP E 18 5.50 -10.23 16.22
N ILE E 19 6.68 -9.64 16.00
CA ILE E 19 7.66 -9.48 17.07
C ILE E 19 7.18 -8.50 18.13
N TYR E 20 6.54 -7.42 17.72
CA TYR E 20 6.11 -6.43 18.70
C TYR E 20 4.96 -6.94 19.53
N SER E 21 4.07 -7.72 18.93
CA SER E 21 3.03 -8.34 19.74
C SER E 21 3.63 -9.32 20.73
N ARG E 22 4.65 -10.07 20.30
CA ARG E 22 5.34 -10.98 21.19
C ARG E 22 5.96 -10.24 22.37
N LEU E 23 6.53 -9.05 22.14
CA LEU E 23 7.08 -8.35 23.29
C LEU E 23 5.99 -7.70 24.14
N LEU E 24 4.82 -7.40 23.57
CA LEU E 24 3.73 -6.91 24.39
C LEU E 24 3.33 -7.95 25.44
N LYS E 25 3.48 -9.23 25.13
CA LYS E 25 3.12 -10.26 26.12
C LYS E 25 4.01 -10.18 27.37
N GLU E 26 5.25 -9.73 27.23
CA GLU E 26 6.12 -9.46 28.37
C GLU E 26 5.98 -8.04 28.89
N ARG E 27 4.94 -7.32 28.50
CA ARG E 27 4.62 -6.00 29.02
C ARG E 27 5.61 -4.93 28.60
N ILE E 28 6.22 -5.09 27.45
CA ILE E 28 7.05 -4.05 26.84
C ILE E 28 6.24 -3.30 25.79
N VAL E 29 6.26 -1.98 25.87
CA VAL E 29 5.59 -1.08 24.93
C VAL E 29 6.64 -0.13 24.39
N PHE E 30 6.66 0.10 23.06
CA PHE E 30 7.62 1.02 22.46
C PHE E 30 6.94 2.31 22.01
N LEU E 31 7.65 3.43 22.17
CA LEU E 31 7.37 4.68 21.49
C LEU E 31 8.61 4.95 20.63
N VAL E 32 8.48 4.86 19.31
CA VAL E 32 9.61 5.01 18.41
C VAL E 32 9.27 6.08 17.37
N GLY E 33 10.13 7.08 17.28
CA GLY E 33 9.89 8.17 16.36
C GLY E 33 8.95 9.25 16.90
N PRO E 34 8.53 10.15 16.03
CA PRO E 34 7.77 11.34 16.47
C PRO E 34 6.45 11.03 17.16
N VAL E 35 6.12 11.85 18.15
CA VAL E 35 4.86 11.72 18.88
C VAL E 35 3.76 12.40 18.05
N THR E 36 2.82 11.60 17.55
CA THR E 36 1.65 12.11 16.87
C THR E 36 0.42 11.61 17.61
N ASP E 37 -0.73 12.19 17.25
CA ASP E 37 -2.01 11.71 17.78
C ASP E 37 -2.11 10.20 17.62
N GLU E 38 -1.74 9.69 16.45
CA GLU E 38 -1.89 8.27 16.18
C GLU E 38 -0.81 7.42 16.87
N SER E 39 0.47 7.83 16.86
CA SER E 39 1.44 6.96 17.53
C SER E 39 1.23 6.99 19.04
N ALA E 40 0.85 8.14 19.57
CA ALA E 40 0.54 8.29 20.97
C ALA E 40 -0.69 7.49 21.33
N ASN E 41 -1.74 7.55 20.53
CA ASN E 41 -2.90 6.80 20.95
C ASN E 41 -2.63 5.30 20.92
N LEU E 42 -1.78 4.84 20.01
CA LEU E 42 -1.41 3.43 20.00
C LEU E 42 -0.72 3.03 21.29
N VAL E 43 0.15 3.88 21.83
CA VAL E 43 0.74 3.59 23.13
C VAL E 43 -0.34 3.53 24.21
N VAL E 44 -1.22 4.53 24.23
CA VAL E 44 -2.32 4.61 25.19
C VAL E 44 -3.12 3.32 25.22
N ALA E 45 -3.48 2.82 24.02
CA ALA E 45 -4.28 1.60 23.93
C ALA E 45 -3.53 0.41 24.53
N GLN E 46 -2.23 0.31 24.26
CA GLN E 46 -1.42 -0.79 24.78
C GLN E 46 -1.28 -0.73 26.32
N LEU E 47 -1.09 0.47 26.86
CA LEU E 47 -1.10 0.65 28.30
C LEU E 47 -2.41 0.20 28.90
N LEU E 48 -3.54 0.57 28.27
CA LEU E 48 -4.85 0.10 28.76
C LEU E 48 -4.97 -1.40 28.64
N PHE E 49 -4.51 -1.97 27.52
CA PHE E 49 -4.55 -3.43 27.38
C PHE E 49 -3.74 -4.09 28.46
N LEU E 50 -2.54 -3.59 28.69
CA LEU E 50 -1.70 -4.19 29.73
C LEU E 50 -2.32 -4.03 31.12
N GLU E 51 -2.96 -2.90 31.41
CA GLU E 51 -3.59 -2.80 32.73
C GLU E 51 -4.75 -3.79 32.88
N SER E 52 -5.53 -3.96 31.82
CA SER E 52 -6.67 -4.89 31.93
C SER E 52 -6.19 -6.33 32.11
N GLU E 53 -5.10 -6.68 31.44
CA GLU E 53 -4.58 -8.04 31.54
C GLU E 53 -4.04 -8.28 32.92
N ASN E 54 -3.38 -7.28 33.47
CA ASN E 54 -2.83 -7.43 34.79
C ASN E 54 -2.61 -6.05 35.41
N PRO E 55 -3.51 -5.59 36.27
CA PRO E 55 -3.37 -4.23 36.81
C PRO E 55 -2.31 -4.10 37.89
N ASP E 56 -1.66 -5.19 38.29
CA ASP E 56 -0.74 -5.21 39.42
C ASP E 56 0.74 -5.39 39.06
N LYS E 57 1.06 -5.64 37.80
CA LYS E 57 2.41 -5.83 37.31
C LYS E 57 2.93 -4.61 36.57
N ASP E 58 4.22 -4.31 36.76
CA ASP E 58 4.84 -3.19 36.04
C ASP E 58 4.67 -3.30 34.53
N ILE E 59 4.63 -2.14 33.85
CA ILE E 59 4.70 -2.03 32.40
C ILE E 59 6.03 -1.40 32.09
N PHE E 60 6.69 -1.84 31.03
CA PHE E 60 7.99 -1.31 30.64
C PHE E 60 7.85 -0.53 29.34
N PHE E 61 8.01 0.77 29.43
CA PHE E 61 7.78 1.72 28.34
C PHE E 61 9.12 2.16 27.78
N TYR E 62 9.48 1.65 26.60
CA TYR E 62 10.76 1.90 25.98
C TYR E 62 10.59 3.07 24.99
N ILE E 63 11.41 4.10 25.14
CA ILE E 63 11.25 5.37 24.43
C ILE E 63 12.51 5.63 23.61
N ASN E 64 12.32 5.81 22.32
CA ASN E 64 13.34 6.33 21.40
C ASN E 64 12.59 7.30 20.48
N SER E 65 12.54 8.59 20.85
CA SER E 65 11.66 9.57 20.20
C SER E 65 12.27 10.97 20.28
N PRO E 66 12.17 11.75 19.20
CA PRO E 66 12.55 13.17 19.23
C PRO E 66 11.46 14.10 19.73
N GLY E 67 10.29 13.60 20.09
CA GLY E 67 9.20 14.44 20.53
C GLY E 67 8.11 14.58 19.48
N GLY E 68 7.35 15.64 19.61
CA GLY E 68 6.26 15.86 18.72
C GLY E 68 5.17 16.65 19.41
N SER E 69 3.93 16.22 19.17
CA SER E 69 2.76 16.97 19.59
C SER E 69 2.64 16.96 21.10
N VAL E 70 2.42 18.14 21.66
CA VAL E 70 2.29 18.27 23.09
C VAL E 70 1.01 17.61 23.59
N THR E 71 -0.11 17.86 22.93
CA THR E 71 -1.36 17.27 23.41
C THR E 71 -1.34 15.77 23.26
N ALA E 72 -0.75 15.25 22.19
CA ALA E 72 -0.61 13.81 22.01
C ALA E 72 0.23 13.23 23.13
N GLY E 73 1.35 13.88 23.44
CA GLY E 73 2.14 13.43 24.55
C GLY E 73 1.43 13.50 25.88
N MET E 74 0.64 14.55 26.11
CA MET E 74 -0.05 14.61 27.39
C MET E 74 -1.08 13.49 27.52
N SER E 75 -1.66 13.02 26.41
CA SER E 75 -2.60 11.90 26.53
C SER E 75 -1.90 10.64 27.04
N ILE E 76 -0.66 10.42 26.63
CA ILE E 76 0.14 9.32 27.16
C ILE E 76 0.44 9.55 28.64
N TYR E 77 0.95 10.73 28.98
CA TYR E 77 1.27 11.09 30.34
C TYR E 77 0.13 10.81 31.30
N ASP E 78 -1.04 11.38 30.99
CA ASP E 78 -2.17 11.20 31.90
C ASP E 78 -2.57 9.73 31.97
N THR E 79 -2.40 8.97 30.88
CA THR E 79 -2.68 7.53 30.95
C THR E 79 -1.64 6.78 31.81
N MET E 80 -0.34 7.11 31.68
CA MET E 80 0.65 6.48 32.57
C MET E 80 0.27 6.66 34.03
N ASN E 81 -0.17 7.87 34.41
CA ASN E 81 -0.47 8.15 35.79
C ASN E 81 -1.82 7.61 36.24
N PHE E 82 -2.76 7.45 35.30
CA PHE E 82 -4.11 7.01 35.63
C PHE E 82 -4.15 5.52 35.95
N ILE E 83 -3.47 4.70 35.15
CA ILE E 83 -3.59 3.27 35.26
C ILE E 83 -2.89 2.77 36.52
N LYS E 84 -3.32 1.59 36.95
CA LYS E 84 -2.79 1.09 38.21
C LYS E 84 -1.34 0.65 38.09
N PRO E 85 -0.91 -0.08 37.06
CA PRO E 85 0.49 -0.54 37.03
C PRO E 85 1.48 0.62 37.06
N ASP E 86 2.59 0.41 37.76
CA ASP E 86 3.77 1.27 37.62
C ASP E 86 4.26 1.22 36.18
N VAL E 87 4.46 2.38 35.56
CA VAL E 87 4.97 2.43 34.20
C VAL E 87 6.45 2.79 34.35
N SER E 88 7.32 1.80 34.14
CA SER E 88 8.75 1.99 34.12
C SER E 88 9.19 2.48 32.74
N THR E 89 10.06 3.48 32.70
CA THR E 89 10.49 4.01 31.43
C THR E 89 11.96 3.69 31.19
N LEU E 90 12.32 3.49 29.93
CA LEU E 90 13.71 3.26 29.53
C LEU E 90 13.97 4.00 28.22
N CYS E 91 14.92 4.90 28.22
CA CYS E 91 15.37 5.58 27.01
C CYS E 91 16.43 4.75 26.31
N LEU E 92 16.20 4.43 25.05
CA LEU E 92 17.22 3.85 24.19
C LEU E 92 17.32 4.68 22.91
N GLY E 93 18.55 4.99 22.51
CA GLY E 93 18.73 5.91 21.40
C GLY E 93 18.57 7.35 21.86
N GLN E 94 17.35 7.87 21.94
CA GLN E 94 17.15 9.22 22.44
C GLN E 94 15.77 9.42 23.01
N ALA E 95 15.66 10.40 23.89
CA ALA E 95 14.38 10.91 24.37
C ALA E 95 14.48 12.43 24.36
N ALA E 96 13.89 13.06 23.35
CA ALA E 96 13.98 14.52 23.25
C ALA E 96 12.60 15.17 23.28
N SER E 97 12.57 16.39 23.84
CA SER E 97 11.35 17.20 23.96
C SER E 97 10.30 16.32 24.60
N MET E 98 9.12 16.15 23.97
CA MET E 98 8.07 15.38 24.65
C MET E 98 8.54 13.98 25.02
N GLY E 99 9.51 13.45 24.29
CA GLY E 99 10.08 12.17 24.68
C GLY E 99 10.73 12.19 26.05
N ALA E 100 11.51 13.24 26.33
CA ALA E 100 12.15 13.37 27.63
C ALA E 100 11.12 13.64 28.71
N PHE E 101 10.08 14.41 28.38
CA PHE E 101 8.98 14.61 29.31
C PHE E 101 8.39 13.27 29.71
N LEU E 102 8.13 12.38 28.74
CA LEU E 102 7.53 11.08 29.03
C LEU E 102 8.50 10.15 29.75
N LEU E 103 9.78 10.17 29.38
CA LEU E 103 10.77 9.41 30.13
C LEU E 103 10.80 9.83 31.62
N SER E 104 10.76 11.13 31.90
CA SER E 104 10.81 11.66 33.27
C SER E 104 9.54 11.41 34.06
N ALA E 105 8.48 11.01 33.38
CA ALA E 105 7.18 10.70 33.97
C ALA E 105 7.07 9.25 34.45
N GLY E 106 8.06 8.41 34.18
CA GLY E 106 8.02 7.06 34.71
C GLY E 106 7.91 7.06 36.22
N GLU E 107 7.43 5.95 36.74
CA GLU E 107 7.35 5.78 38.18
C GLU E 107 8.70 6.07 38.78
N LYS E 108 8.75 6.99 39.74
CA LYS E 108 10.03 7.28 40.35
C LYS E 108 10.65 6.00 40.92
N GLY E 109 11.93 5.84 40.66
CA GLY E 109 12.67 4.67 40.97
C GLY E 109 12.77 3.69 39.85
N LYS E 110 11.90 3.85 38.83
CA LYS E 110 11.79 2.95 37.69
C LYS E 110 11.97 3.72 36.40
N ARG E 111 12.72 4.81 36.46
CA ARG E 111 13.10 5.56 35.26
C ARG E 111 14.56 5.27 34.93
N PHE E 112 14.79 4.70 33.75
CA PHE E 112 16.08 4.21 33.35
C PHE E 112 16.51 4.74 32.00
N ALA E 113 17.82 4.73 31.78
CA ALA E 113 18.38 5.02 30.47
C ALA E 113 19.56 4.10 30.22
N LEU E 114 19.76 3.74 28.95
CA LEU E 114 20.95 3.01 28.56
C LEU E 114 22.13 3.96 28.44
N PRO E 115 23.36 3.46 28.51
CA PRO E 115 24.48 4.38 28.76
C PRO E 115 24.70 5.44 27.69
N ASN E 116 24.43 5.15 26.41
CA ASN E 116 24.75 6.13 25.35
C ASN E 116 23.50 6.74 24.75
N SER E 117 22.37 6.69 25.47
CA SER E 117 21.17 7.44 25.14
C SER E 117 21.42 8.94 25.22
N ARG E 118 20.58 9.67 24.52
CA ARG E 118 20.67 11.11 24.56
C ARG E 118 19.32 11.68 24.96
N ILE E 119 19.38 12.70 25.79
CA ILE E 119 18.21 13.36 26.34
C ILE E 119 18.33 14.81 25.93
N MET E 120 17.19 15.42 25.63
CA MET E 120 17.18 16.84 25.33
C MET E 120 15.86 17.42 25.77
N ILE E 121 15.92 18.59 26.39
CA ILE E 121 14.77 19.33 26.88
C ILE E 121 14.82 20.73 26.31
N HIS E 122 13.65 21.32 26.11
CA HIS E 122 13.55 22.68 25.59
C HIS E 122 12.12 23.16 25.77
N GLN E 123 11.92 24.44 25.56
CA GLN E 123 10.60 25.05 25.67
C GLN E 123 9.78 24.71 24.44
N PRO E 124 8.46 24.85 24.52
CA PRO E 124 7.61 24.47 23.38
C PRO E 124 8.00 25.26 22.15
N LEU E 125 7.77 24.65 20.99
CA LEU E 125 8.18 25.14 19.69
C LEU E 125 6.94 25.04 18.82
N ILE E 126 6.83 25.93 17.85
CA ILE E 126 5.70 25.87 16.93
C ILE E 126 6.17 26.00 15.48
N SER E 127 5.32 25.54 14.58
CA SER E 127 5.26 25.99 13.18
C SER E 127 4.63 24.87 12.35
N GLY E 132 -3.65 34.47 12.11
CA GLY E 132 -4.92 35.20 12.02
C GLY E 132 -4.93 36.68 12.41
N GLN E 133 -6.06 37.12 12.94
CA GLN E 133 -6.19 38.48 13.45
C GLN E 133 -5.38 38.64 14.72
N ALA E 134 -5.01 39.89 15.01
CA ALA E 134 -4.26 40.16 16.23
C ALA E 134 -4.96 39.59 17.46
N SER E 135 -6.29 39.67 17.53
CA SER E 135 -7.03 39.12 18.65
C SER E 135 -6.79 37.62 18.81
N ASP E 136 -6.72 36.90 17.69
CA ASP E 136 -6.52 35.46 17.72
C ASP E 136 -5.09 35.09 18.05
N ILE E 137 -4.11 35.83 17.50
CA ILE E 137 -2.71 35.60 17.83
C ILE E 137 -2.46 35.78 19.32
N GLU E 138 -3.08 36.80 19.92
CA GLU E 138 -2.98 37.00 21.35
C GLU E 138 -3.51 35.80 22.09
N ILE E 139 -4.70 35.32 21.71
CA ILE E 139 -5.28 34.19 22.39
C ILE E 139 -4.35 33.00 22.29
N HIS E 140 -3.77 32.75 21.12
CA HIS E 140 -2.95 31.55 21.02
C HIS E 140 -1.57 31.71 21.67
N ALA E 141 -0.96 32.89 21.61
CA ALA E 141 0.29 33.06 22.33
C ALA E 141 0.07 32.88 23.83
N ARG E 142 -1.04 33.43 24.35
CA ARG E 142 -1.32 33.26 25.77
C ARG E 142 -1.47 31.78 26.11
N GLU E 143 -2.17 31.02 25.27
CA GLU E 143 -2.32 29.59 25.51
C GLU E 143 -0.96 28.90 25.44
N LEU E 144 -0.10 29.29 24.49
CA LEU E 144 1.22 28.67 24.39
C LEU E 144 2.07 28.97 25.62
N LEU E 145 1.94 30.16 26.21
CA LEU E 145 2.69 30.47 27.42
C LEU E 145 2.21 29.67 28.62
N LYS E 146 0.89 29.40 28.67
CA LYS E 146 0.36 28.53 29.70
C LYS E 146 0.96 27.12 29.59
N ILE E 147 1.06 26.60 28.36
CA ILE E 147 1.67 25.30 28.13
C ILE E 147 3.12 25.32 28.61
N LYS E 148 3.85 26.37 28.26
CA LYS E 148 5.24 26.49 28.68
C LYS E 148 5.36 26.44 30.20
N GLU E 149 4.51 27.20 30.90
CA GLU E 149 4.62 27.25 32.36
C GLU E 149 4.22 25.90 32.99
N LYS E 150 3.12 25.31 32.51
CA LYS E 150 2.63 24.05 33.03
C LYS E 150 3.65 22.94 32.87
N LEU E 151 4.28 22.85 31.69
CA LEU E 151 5.29 21.83 31.45
C LEU E 151 6.52 22.07 32.31
N ASN E 152 6.90 23.31 32.52
CA ASN E 152 8.03 23.56 33.40
C ASN E 152 7.70 23.12 34.82
N ARG E 153 6.48 23.40 35.29
CA ARG E 153 6.05 22.99 36.61
C ARG E 153 6.05 21.48 36.71
N LEU E 154 5.48 20.80 35.72
CA LEU E 154 5.46 19.35 35.75
C LEU E 154 6.88 18.78 35.68
N MET E 155 7.72 19.33 34.82
CA MET E 155 9.06 18.79 34.72
C MET E 155 9.84 19.01 36.02
N ALA E 156 9.66 20.16 36.66
CA ALA E 156 10.32 20.43 37.92
C ALA E 156 9.97 19.37 38.97
N LYS E 157 8.69 18.98 39.03
CA LYS E 157 8.27 17.92 39.94
C LYS E 157 8.92 16.59 39.58
N HIS E 158 8.93 16.22 38.29
CA HIS E 158 9.57 14.97 37.89
C HIS E 158 11.04 14.95 38.31
N CYS E 159 11.72 16.10 38.19
CA CYS E 159 13.17 16.20 38.34
C CYS E 159 13.63 16.52 39.75
N ASP E 160 12.75 16.75 40.69
CA ASP E 160 13.11 17.16 42.04
C ASP E 160 14.00 18.38 42.02
N ARG E 161 13.58 19.37 41.24
CA ARG E 161 14.28 20.63 41.08
C ARG E 161 13.27 21.77 41.19
N ASP E 162 13.80 22.98 41.36
CA ASP E 162 12.95 24.17 41.43
C ASP E 162 12.52 24.59 40.02
N LEU E 163 11.33 25.16 39.95
CA LEU E 163 10.81 25.65 38.68
C LEU E 163 11.78 26.62 38.00
N ALA E 164 12.43 27.50 38.76
CA ALA E 164 13.30 28.49 38.11
C ALA E 164 14.45 27.83 37.38
N ASP E 165 14.92 26.68 37.86
CA ASP E 165 15.95 25.94 37.14
C ASP E 165 15.42 25.42 35.80
N LEU E 166 14.20 24.88 35.81
CA LEU E 166 13.61 24.38 34.58
C LEU E 166 13.39 25.52 33.58
N GLU E 167 12.93 26.66 34.06
CA GLU E 167 12.73 27.80 33.18
C GLU E 167 14.05 28.18 32.49
N ARG E 168 15.11 28.24 33.28
CA ARG E 168 16.43 28.62 32.75
C ARG E 168 16.97 27.55 31.81
N ASP E 169 16.80 26.28 32.16
CA ASP E 169 17.55 25.22 31.50
C ASP E 169 16.85 24.75 30.23
N THR E 170 15.65 25.25 29.97
CA THR E 170 14.90 24.91 28.78
C THR E 170 14.74 26.09 27.82
N ASP E 171 15.37 27.23 28.11
CA ASP E 171 15.21 28.37 27.24
C ASP E 171 15.70 28.05 25.83
N ARG E 172 16.78 27.29 25.69
CA ARG E 172 17.21 26.73 24.40
C ARG E 172 17.46 25.23 24.53
N ASP E 173 17.71 24.59 23.40
CA ASP E 173 18.00 23.15 23.41
C ASP E 173 19.11 22.84 24.42
N ASN E 174 18.84 21.84 25.27
CA ASN E 174 19.71 21.42 26.37
C ASN E 174 19.89 19.91 26.21
N PHE E 175 21.06 19.52 25.69
CA PHE E 175 21.38 18.14 25.45
C PHE E 175 22.06 17.57 26.68
N MET E 176 21.71 16.36 27.01
CA MET E 176 22.27 15.71 28.21
C MET E 176 22.58 14.25 27.95
N SER E 177 23.78 13.82 28.33
CA SER E 177 24.07 12.39 28.36
C SER E 177 23.23 11.71 29.43
N ALA E 178 23.25 10.39 29.43
CA ALA E 178 22.48 9.64 30.41
C ALA E 178 22.93 9.99 31.83
N GLU E 179 24.23 10.17 32.02
CA GLU E 179 24.71 10.50 33.36
C GLU E 179 24.20 11.86 33.78
N GLU E 180 24.23 12.81 32.86
CA GLU E 180 23.77 14.16 33.15
C GLU E 180 22.28 14.20 33.43
N ALA E 181 21.50 13.40 32.72
CA ALA E 181 20.08 13.35 32.99
C ALA E 181 19.81 12.70 34.34
N LYS E 182 20.59 11.69 34.69
CA LYS E 182 20.45 11.14 36.04
C LYS E 182 20.74 12.21 37.08
N GLU E 183 21.82 12.98 36.87
CA GLU E 183 22.18 14.08 37.76
C GLU E 183 21.10 15.13 37.81
N TYR E 184 20.46 15.39 36.67
CA TYR E 184 19.42 16.41 36.65
C TYR E 184 18.17 15.95 37.38
N GLY E 185 17.98 14.65 37.47
CA GLY E 185 16.80 14.09 38.05
C GLY E 185 15.77 13.56 37.09
N LEU E 186 16.04 13.54 35.78
CA LEU E 186 15.02 13.09 34.82
C LEU E 186 14.87 11.58 34.87
N ILE E 187 15.95 10.85 35.24
CA ILE E 187 15.96 9.42 35.43
C ILE E 187 16.58 9.06 36.78
N ASP E 188 16.42 7.81 37.16
CA ASP E 188 16.90 7.32 38.43
C ASP E 188 18.18 6.53 38.32
N GLN E 189 18.31 5.74 37.26
CA GLN E 189 19.44 4.84 37.17
C GLN E 189 19.82 4.66 35.71
N ILE E 190 21.11 4.45 35.48
CA ILE E 190 21.62 4.07 34.17
C ILE E 190 21.87 2.58 34.23
N LEU E 191 21.38 1.84 33.25
CA LEU E 191 21.53 0.39 33.21
C LEU E 191 22.50 0.04 32.10
N GLU E 192 23.65 -0.53 32.48
CA GLU E 192 24.61 -1.02 31.50
C GLU E 192 24.30 -2.44 31.07
N ASN E 193 23.96 -3.30 32.01
CA ASN E 193 23.50 -4.63 31.65
C ASN E 193 22.55 -5.14 32.72
N ARG E 194 22.17 -6.41 32.59
CA ARG E 194 21.41 -7.11 33.62
C ARG E 194 22.43 -7.47 34.70
N ALA E 195 22.55 -6.62 35.73
CA ALA E 195 23.40 -6.87 36.90
C ALA E 195 23.44 -5.61 37.78
N VAL F 3 -0.33 -2.05 13.83
CA VAL F 3 -1.12 -2.22 15.05
C VAL F 3 -0.88 -3.63 15.62
N PRO F 4 -0.45 -3.72 16.88
CA PRO F 4 -0.14 -5.03 17.45
C PRO F 4 -1.41 -5.86 17.62
N THR F 5 -1.21 -7.16 17.81
CA THR F 5 -2.29 -8.13 17.88
C THR F 5 -2.17 -8.97 19.16
N VAL F 6 -3.30 -9.48 19.60
CA VAL F 6 -3.39 -10.26 20.83
C VAL F 6 -4.23 -11.51 20.59
N PHE F 17 -6.94 -10.87 17.56
CA PHE F 17 -7.48 -9.53 17.71
C PHE F 17 -6.35 -8.49 17.58
N ASP F 18 -6.61 -7.38 16.88
CA ASP F 18 -5.74 -6.20 16.91
C ASP F 18 -6.07 -5.38 18.16
N ILE F 19 -5.17 -4.45 18.52
CA ILE F 19 -5.28 -3.85 19.84
C ILE F 19 -6.60 -3.10 20.00
N TYR F 20 -7.03 -2.40 18.97
CA TYR F 20 -8.29 -1.66 19.08
C TYR F 20 -9.50 -2.59 19.13
N SER F 21 -9.50 -3.68 18.37
CA SER F 21 -10.61 -4.63 18.49
C SER F 21 -10.61 -5.30 19.85
N ARG F 22 -9.42 -5.61 20.37
CA ARG F 22 -9.37 -6.15 21.72
C ARG F 22 -9.97 -5.17 22.74
N LEU F 23 -9.69 -3.86 22.60
CA LEU F 23 -10.26 -2.93 23.57
C LEU F 23 -11.76 -2.74 23.34
N LEU F 24 -12.27 -3.07 22.15
CA LEU F 24 -13.72 -3.05 21.95
C LEU F 24 -14.38 -4.08 22.84
N LYS F 25 -13.67 -5.16 23.14
CA LYS F 25 -14.16 -6.15 24.09
C LYS F 25 -14.36 -5.52 25.46
N GLU F 26 -13.67 -4.43 25.75
CA GLU F 26 -13.89 -3.66 26.97
C GLU F 26 -14.89 -2.53 26.78
N ARG F 27 -15.54 -2.46 25.63
CA ARG F 27 -16.50 -1.40 25.31
C ARG F 27 -15.82 -0.03 25.23
N ILE F 28 -14.56 -0.02 24.87
CA ILE F 28 -13.83 1.23 24.66
C ILE F 28 -13.79 1.59 23.18
N VAL F 29 -14.19 2.81 22.85
CA VAL F 29 -14.17 3.30 21.48
C VAL F 29 -13.38 4.60 21.46
N PHE F 30 -12.48 4.75 20.49
CA PHE F 30 -11.62 5.91 20.36
C PHE F 30 -12.04 6.82 19.21
N LEU F 31 -11.95 8.14 19.43
CA LEU F 31 -11.94 9.13 18.36
C LEU F 31 -10.63 9.93 18.47
N VAL F 32 -9.76 9.77 17.47
CA VAL F 32 -8.41 10.32 17.45
C VAL F 32 -8.21 11.11 16.17
N GLY F 33 -7.73 12.31 16.29
CA GLY F 33 -7.42 13.08 15.11
C GLY F 33 -8.64 13.70 14.48
N PRO F 34 -8.45 14.28 13.30
CA PRO F 34 -9.53 15.05 12.65
C PRO F 34 -10.77 14.20 12.42
N VAL F 35 -11.92 14.81 12.67
CA VAL F 35 -13.21 14.14 12.47
C VAL F 35 -13.55 14.28 11.00
N THR F 36 -13.59 13.15 10.28
CA THR F 36 -13.96 13.06 8.89
C THR F 36 -15.15 12.12 8.76
N ASP F 37 -15.76 12.10 7.57
CA ASP F 37 -16.88 11.17 7.35
C ASP F 37 -16.47 9.75 7.73
N GLU F 38 -15.28 9.37 7.29
CA GLU F 38 -14.80 8.02 7.42
C GLU F 38 -14.45 7.73 8.87
N SER F 39 -13.81 8.67 9.57
CA SER F 39 -13.46 8.46 10.97
C SER F 39 -14.68 8.50 11.85
N ALA F 40 -15.64 9.39 11.52
CA ALA F 40 -16.89 9.49 12.26
C ALA F 40 -17.72 8.22 12.08
N ASN F 41 -17.85 7.76 10.85
CA ASN F 41 -18.68 6.58 10.66
C ASN F 41 -18.05 5.35 11.28
N LEU F 42 -16.73 5.23 11.29
CA LEU F 42 -16.14 4.07 11.97
C LEU F 42 -16.53 4.06 13.45
N VAL F 43 -16.61 5.25 14.06
CA VAL F 43 -17.07 5.37 15.44
C VAL F 43 -18.53 4.96 15.56
N VAL F 44 -19.38 5.48 14.68
CA VAL F 44 -20.78 5.06 14.69
C VAL F 44 -20.89 3.53 14.63
N ALA F 45 -20.12 2.91 13.75
CA ALA F 45 -20.24 1.47 13.57
C ALA F 45 -19.89 0.73 14.86
N GLN F 46 -18.87 1.20 15.57
CA GLN F 46 -18.49 0.60 16.85
C GLN F 46 -19.57 0.78 17.90
N LEU F 47 -20.18 1.95 17.96
CA LEU F 47 -21.27 2.20 18.89
C LEU F 47 -22.45 1.26 18.60
N LEU F 48 -22.85 1.14 17.33
CA LEU F 48 -23.95 0.24 17.01
C LEU F 48 -23.62 -1.21 17.35
N PHE F 49 -22.39 -1.63 17.05
CA PHE F 49 -21.95 -2.97 17.35
C PHE F 49 -21.99 -3.23 18.85
N LEU F 50 -21.49 -2.29 19.64
CA LEU F 50 -21.49 -2.51 21.09
C LEU F 50 -22.91 -2.59 21.63
N GLU F 51 -23.85 -1.79 21.09
CA GLU F 51 -25.24 -1.87 21.55
C GLU F 51 -25.85 -3.23 21.24
N SER F 52 -25.59 -3.74 20.03
CA SER F 52 -26.06 -5.08 19.70
C SER F 52 -25.41 -6.12 20.60
N GLU F 53 -24.15 -5.91 20.99
CA GLU F 53 -23.51 -6.89 21.86
C GLU F 53 -24.13 -6.91 23.26
N ASN F 54 -24.45 -5.75 23.80
CA ASN F 54 -25.11 -5.58 25.08
C ASN F 54 -25.66 -4.18 25.15
N PRO F 55 -26.98 -4.00 25.00
CA PRO F 55 -27.56 -2.65 25.01
C PRO F 55 -27.69 -2.01 26.40
N ASP F 56 -27.35 -2.76 27.45
CA ASP F 56 -27.56 -2.36 28.83
C ASP F 56 -26.27 -1.99 29.55
N LYS F 57 -25.12 -2.16 28.91
CA LYS F 57 -23.83 -1.81 29.49
C LYS F 57 -23.34 -0.48 28.93
N ASP F 58 -22.68 0.31 29.78
CA ASP F 58 -22.10 1.58 29.34
C ASP F 58 -21.06 1.41 28.23
N ILE F 59 -20.88 2.45 27.42
CA ILE F 59 -19.76 2.51 26.48
C ILE F 59 -18.85 3.65 26.92
N PHE F 60 -17.55 3.46 26.73
CA PHE F 60 -16.51 4.42 27.14
C PHE F 60 -15.84 4.96 25.89
N PHE F 61 -16.08 6.24 25.61
CA PHE F 61 -15.73 6.91 24.36
C PHE F 61 -14.62 7.92 24.63
N TYR F 62 -13.41 7.53 24.25
CA TYR F 62 -12.18 8.29 24.53
C TYR F 62 -11.93 9.21 23.35
N ILE F 63 -11.73 10.51 23.63
CA ILE F 63 -11.69 11.54 22.59
C ILE F 63 -10.36 12.27 22.69
N ASN F 64 -9.59 12.24 21.59
CA ASN F 64 -8.37 13.04 21.43
C ASN F 64 -8.39 13.57 20.02
N SER F 65 -9.02 14.71 19.85
CA SER F 65 -9.36 15.16 18.56
C SER F 65 -9.35 16.66 18.50
N PRO F 66 -8.81 17.24 17.42
CA PRO F 66 -8.93 18.69 17.23
C PRO F 66 -10.24 19.16 16.64
N GLY F 67 -11.18 18.27 16.34
CA GLY F 67 -12.40 18.67 15.67
C GLY F 67 -12.39 18.24 14.22
N GLY F 68 -13.23 18.89 13.42
CA GLY F 68 -13.32 18.53 12.02
C GLY F 68 -14.69 18.87 11.44
N SER F 69 -15.15 17.96 10.59
CA SER F 69 -16.39 18.18 9.86
C SER F 69 -17.58 18.21 10.83
N VAL F 70 -18.41 19.24 10.70
CA VAL F 70 -19.56 19.37 11.58
C VAL F 70 -20.55 18.24 11.31
N THR F 71 -20.84 17.96 10.03
CA THR F 71 -21.84 16.92 9.76
C THR F 71 -21.34 15.54 10.20
N ALA F 72 -20.05 15.26 10.03
CA ALA F 72 -19.50 13.98 10.49
C ALA F 72 -19.63 13.89 12.01
N GLY F 73 -19.34 14.99 12.72
CA GLY F 73 -19.54 15.01 14.15
C GLY F 73 -20.98 14.79 14.56
N MET F 74 -21.92 15.37 13.83
CA MET F 74 -23.31 15.17 14.19
C MET F 74 -23.75 13.71 14.05
N SER F 75 -23.16 12.96 13.11
CA SER F 75 -23.50 11.54 12.98
C SER F 75 -23.09 10.76 14.24
N ILE F 76 -21.95 11.09 14.84
CA ILE F 76 -21.60 10.45 16.11
C ILE F 76 -22.57 10.91 17.20
N TYR F 77 -22.76 12.23 17.34
CA TYR F 77 -23.63 12.84 18.34
C TYR F 77 -25.01 12.17 18.40
N ASP F 78 -25.70 12.12 17.24
CA ASP F 78 -27.06 11.56 17.19
C ASP F 78 -27.06 10.07 17.49
N THR F 79 -26.02 9.34 17.08
CA THR F 79 -25.91 7.93 17.41
C THR F 79 -25.70 7.74 18.91
N MET F 80 -24.87 8.59 19.51
CA MET F 80 -24.66 8.50 20.95
C MET F 80 -26.00 8.55 21.70
N ASN F 81 -26.88 9.47 21.30
CA ASN F 81 -28.16 9.67 21.98
C ASN F 81 -29.18 8.64 21.53
N PHE F 82 -29.01 8.11 20.31
CA PHE F 82 -29.98 7.15 19.78
C PHE F 82 -29.87 5.81 20.48
N ILE F 83 -28.65 5.31 20.67
CA ILE F 83 -28.47 3.95 21.20
C ILE F 83 -28.83 3.90 22.69
N LYS F 84 -29.15 2.70 23.15
CA LYS F 84 -29.62 2.46 24.49
C LYS F 84 -28.49 2.64 25.52
N PRO F 85 -27.29 2.10 25.27
CA PRO F 85 -26.22 2.24 26.26
C PRO F 85 -25.91 3.68 26.62
N ASP F 86 -25.59 3.91 27.90
CA ASP F 86 -24.98 5.17 28.29
C ASP F 86 -23.64 5.31 27.59
N VAL F 87 -23.39 6.48 27.00
CA VAL F 87 -22.09 6.73 26.39
C VAL F 87 -21.31 7.66 27.31
N SER F 88 -20.36 7.08 28.03
CA SER F 88 -19.43 7.84 28.87
C SER F 88 -18.34 8.40 27.97
N THR F 89 -17.99 9.66 28.19
CA THR F 89 -16.90 10.27 27.42
C THR F 89 -15.69 10.57 28.28
N LEU F 90 -14.51 10.48 27.67
CA LEU F 90 -13.25 10.86 28.31
C LEU F 90 -12.34 11.57 27.34
N CYS F 91 -11.94 12.78 27.72
CA CYS F 91 -10.92 13.52 26.99
C CYS F 91 -9.53 13.12 27.45
N LEU F 92 -8.69 12.69 26.52
CA LEU F 92 -7.26 12.57 26.77
C LEU F 92 -6.51 13.38 25.72
N GLY F 93 -5.52 14.15 26.18
CA GLY F 93 -4.85 15.05 25.23
C GLY F 93 -5.66 16.30 24.96
N GLN F 94 -6.61 16.26 24.02
CA GLN F 94 -7.42 17.43 23.75
C GLN F 94 -8.77 17.03 23.16
N ALA F 95 -9.73 17.94 23.36
CA ALA F 95 -11.04 17.88 22.72
C ALA F 95 -11.35 19.32 22.34
N ALA F 96 -11.17 19.62 21.06
CA ALA F 96 -11.33 20.95 20.53
C ALA F 96 -12.43 20.97 19.48
N SER F 97 -13.19 22.07 19.47
CA SER F 97 -14.28 22.27 18.50
C SER F 97 -15.19 21.06 18.55
N MET F 98 -15.41 20.37 17.42
CA MET F 98 -16.33 19.23 17.45
C MET F 98 -15.90 18.15 18.44
N GLY F 99 -14.59 18.00 18.69
CA GLY F 99 -14.15 17.08 19.72
C GLY F 99 -14.71 17.45 21.07
N ALA F 100 -14.73 18.75 21.37
CA ALA F 100 -15.29 19.24 22.62
C ALA F 100 -16.81 19.06 22.65
N PHE F 101 -17.47 19.32 21.52
CA PHE F 101 -18.92 19.10 21.40
C PHE F 101 -19.25 17.67 21.78
N LEU F 102 -18.49 16.70 21.27
CA LEU F 102 -18.80 15.29 21.54
C LEU F 102 -18.48 14.92 22.97
N LEU F 103 -17.37 15.43 23.51
CA LEU F 103 -17.05 15.22 24.92
C LEU F 103 -18.17 15.68 25.84
N SER F 104 -18.71 16.88 25.61
CA SER F 104 -19.76 17.44 26.44
C SER F 104 -21.11 16.76 26.20
N ALA F 105 -21.25 15.99 25.11
CA ALA F 105 -22.50 15.28 24.80
C ALA F 105 -22.63 13.95 25.54
N GLY F 106 -21.62 13.55 26.27
CA GLY F 106 -21.70 12.32 27.05
C GLY F 106 -22.84 12.33 28.05
N GLU F 107 -23.24 11.12 28.44
CA GLU F 107 -24.27 10.95 29.45
C GLU F 107 -23.91 11.81 30.65
N LYS F 108 -24.81 12.70 31.02
CA LYS F 108 -24.51 13.62 32.10
C LYS F 108 -24.23 12.82 33.37
N GLY F 109 -23.18 13.24 34.08
CA GLY F 109 -22.64 12.52 35.20
C GLY F 109 -21.50 11.60 34.86
N LYS F 110 -21.33 11.29 33.56
CA LYS F 110 -20.32 10.33 33.12
C LYS F 110 -19.38 10.91 32.07
N ARG F 111 -19.19 12.23 32.08
CA ARG F 111 -18.26 12.94 31.21
C ARG F 111 -17.03 13.32 32.00
N PHE F 112 -15.86 12.88 31.54
CA PHE F 112 -14.59 12.94 32.25
C PHE F 112 -13.48 13.55 31.44
N ALA F 113 -12.47 14.05 32.14
CA ALA F 113 -11.24 14.45 31.48
C ALA F 113 -10.07 14.09 32.38
N LEU F 114 -8.94 13.73 31.76
CA LEU F 114 -7.71 13.56 32.52
C LEU F 114 -7.13 14.94 32.87
N PRO F 115 -6.26 14.99 33.89
CA PRO F 115 -5.95 16.28 34.53
C PRO F 115 -5.28 17.29 33.63
N ASN F 116 -4.51 16.84 32.65
CA ASN F 116 -3.78 17.75 31.78
C ASN F 116 -4.34 17.78 30.36
N SER F 117 -5.58 17.32 30.19
CA SER F 117 -6.33 17.50 28.97
C SER F 117 -6.58 18.99 28.71
N ARG F 118 -6.82 19.32 27.46
CA ARG F 118 -7.25 20.68 27.16
C ARG F 118 -8.47 20.64 26.26
N ILE F 119 -9.41 21.51 26.58
CA ILE F 119 -10.66 21.65 25.85
C ILE F 119 -10.65 23.02 25.20
N MET F 120 -11.20 23.10 24.00
CA MET F 120 -11.29 24.39 23.32
C MET F 120 -12.60 24.41 22.56
N ILE F 121 -13.29 25.54 22.65
CA ILE F 121 -14.56 25.72 21.99
C ILE F 121 -14.52 27.00 21.16
N HIS F 122 -15.25 26.99 20.06
CA HIS F 122 -15.26 28.17 19.20
C HIS F 122 -16.39 28.06 18.20
N GLN F 123 -16.60 29.14 17.49
CA GLN F 123 -17.67 29.12 16.50
C GLN F 123 -17.21 28.46 15.19
N PRO F 124 -18.16 28.02 14.35
CA PRO F 124 -17.77 27.37 13.10
C PRO F 124 -16.97 28.31 12.20
N LEU F 125 -16.13 27.70 11.35
CA LEU F 125 -15.32 28.44 10.41
C LEU F 125 -15.08 27.57 9.18
N ILE F 126 -14.67 28.22 8.09
CA ILE F 126 -14.24 27.47 6.91
C ILE F 126 -12.86 27.93 6.51
N GLY F 132 -18.29 31.22 -5.50
CA GLY F 132 -19.21 31.16 -6.62
C GLY F 132 -20.05 32.42 -6.81
N GLN F 133 -21.25 32.25 -7.36
CA GLN F 133 -22.13 33.40 -7.57
C GLN F 133 -22.59 33.95 -6.24
N ALA F 134 -22.89 35.25 -6.24
CA ALA F 134 -23.35 35.88 -5.01
C ALA F 134 -24.55 35.15 -4.41
N SER F 135 -25.47 34.68 -5.26
CA SER F 135 -26.64 33.97 -4.73
C SER F 135 -26.25 32.73 -3.93
N ASP F 136 -25.24 31.99 -4.40
CA ASP F 136 -24.82 30.75 -3.74
C ASP F 136 -24.08 31.03 -2.46
N ILE F 137 -23.24 32.07 -2.47
CA ILE F 137 -22.55 32.50 -1.27
C ILE F 137 -23.56 32.85 -0.20
N GLU F 138 -24.66 33.52 -0.57
CA GLU F 138 -25.72 33.87 0.37
C GLU F 138 -26.32 32.62 1.00
N ILE F 139 -26.60 31.63 0.18
CA ILE F 139 -27.22 30.40 0.66
C ILE F 139 -26.31 29.73 1.69
N HIS F 140 -25.03 29.67 1.37
CA HIS F 140 -24.08 28.94 2.22
C HIS F 140 -23.75 29.73 3.47
N ALA F 141 -23.66 31.06 3.38
CA ALA F 141 -23.45 31.81 4.60
C ALA F 141 -24.63 31.61 5.55
N ARG F 142 -25.85 31.64 5.03
CA ARG F 142 -27.02 31.45 5.87
C ARG F 142 -27.03 30.08 6.55
N GLU F 143 -26.63 29.04 5.81
CA GLU F 143 -26.56 27.71 6.40
C GLU F 143 -25.49 27.67 7.49
N LEU F 144 -24.35 28.32 7.26
CA LEU F 144 -23.30 28.32 8.28
C LEU F 144 -23.77 29.02 9.55
N LEU F 145 -24.55 30.10 9.41
CA LEU F 145 -25.04 30.80 10.58
C LEU F 145 -26.11 30.01 11.31
N LYS F 146 -26.93 29.27 10.58
CA LYS F 146 -27.84 28.33 11.23
C LYS F 146 -27.05 27.27 12.00
N ILE F 147 -25.98 26.77 11.40
CA ILE F 147 -25.11 25.84 12.11
C ILE F 147 -24.60 26.51 13.37
N LYS F 148 -24.16 27.76 13.26
CA LYS F 148 -23.63 28.47 14.41
C LYS F 148 -24.65 28.51 15.54
N GLU F 149 -25.92 28.86 15.23
CA GLU F 149 -26.94 28.98 16.26
C GLU F 149 -27.31 27.62 16.87
N LYS F 150 -27.49 26.60 16.04
CA LYS F 150 -27.82 25.27 16.58
C LYS F 150 -26.71 24.78 17.49
N LEU F 151 -25.45 24.94 17.07
CA LEU F 151 -24.36 24.43 17.88
C LEU F 151 -24.29 25.15 19.21
N ASN F 152 -24.54 26.46 19.21
CA ASN F 152 -24.61 27.20 20.47
C ASN F 152 -25.80 26.73 21.30
N ARG F 153 -26.92 26.46 20.65
CA ARG F 153 -28.10 26.01 21.39
C ARG F 153 -27.85 24.68 22.10
N LEU F 154 -27.27 23.72 21.39
CA LEU F 154 -26.99 22.41 21.95
C LEU F 154 -25.90 22.46 23.01
N MET F 155 -24.83 23.22 22.80
CA MET F 155 -23.78 23.31 23.81
C MET F 155 -24.31 23.90 25.11
N ALA F 156 -25.12 24.96 25.02
CA ALA F 156 -25.75 25.53 26.21
C ALA F 156 -26.57 24.48 26.93
N LYS F 157 -27.24 23.61 26.18
CA LYS F 157 -27.97 22.51 26.79
C LYS F 157 -27.03 21.54 27.47
N HIS F 158 -25.95 21.14 26.79
CA HIS F 158 -25.00 20.24 27.40
C HIS F 158 -24.40 20.86 28.66
N CYS F 159 -24.08 22.16 28.62
CA CYS F 159 -23.39 22.78 29.74
C CYS F 159 -24.35 23.35 30.79
N ASP F 160 -25.66 23.23 30.57
CA ASP F 160 -26.64 23.84 31.46
C ASP F 160 -26.37 25.31 31.65
N ARG F 161 -26.24 26.02 30.53
CA ARG F 161 -25.95 27.45 30.49
C ARG F 161 -26.92 28.14 29.55
N ASP F 162 -26.92 29.48 29.61
CA ASP F 162 -27.77 30.28 28.74
C ASP F 162 -27.17 30.36 27.34
N LEU F 163 -28.05 30.41 26.35
CA LEU F 163 -27.59 30.57 24.97
C LEU F 163 -26.66 31.77 24.86
N ALA F 164 -26.99 32.86 25.54
CA ALA F 164 -26.19 34.07 25.45
C ALA F 164 -24.78 33.86 25.98
N ASP F 165 -24.62 33.01 27.00
CA ASP F 165 -23.26 32.74 27.49
C ASP F 165 -22.43 32.09 26.40
N LEU F 166 -22.96 31.03 25.80
CA LEU F 166 -22.21 30.32 24.77
C LEU F 166 -21.93 31.21 23.58
N GLU F 167 -22.89 32.06 23.19
CA GLU F 167 -22.63 33.01 22.11
C GLU F 167 -21.42 33.86 22.46
N ARG F 168 -21.39 34.37 23.68
CA ARG F 168 -20.29 35.25 24.10
C ARG F 168 -18.96 34.52 24.06
N ASP F 169 -18.95 33.29 24.54
CA ASP F 169 -17.76 32.53 24.88
C ASP F 169 -17.19 31.73 23.73
N THR F 170 -17.85 31.72 22.56
CA THR F 170 -17.33 31.06 21.36
C THR F 170 -17.03 32.03 20.24
N ASP F 171 -17.07 33.34 20.49
CA ASP F 171 -16.85 34.29 19.41
C ASP F 171 -15.44 34.13 18.82
N ARG F 172 -14.44 33.85 19.68
CA ARG F 172 -13.09 33.47 19.27
C ARG F 172 -12.67 32.24 20.07
N ASP F 173 -11.54 31.65 19.68
CA ASP F 173 -11.07 30.43 20.35
C ASP F 173 -11.02 30.61 21.87
N ASN F 174 -11.55 29.62 22.56
CA ASN F 174 -11.66 29.63 24.02
C ASN F 174 -11.06 28.34 24.54
N PHE F 175 -9.82 28.42 25.01
CA PHE F 175 -9.13 27.30 25.58
C PHE F 175 -9.48 27.19 27.05
N MET F 176 -9.70 25.95 27.51
CA MET F 176 -10.12 25.66 28.87
C MET F 176 -9.28 24.50 29.40
N SER F 177 -8.82 24.65 30.64
CA SER F 177 -8.22 23.57 31.39
C SER F 177 -9.30 22.55 31.76
N ALA F 178 -8.87 21.42 32.34
CA ALA F 178 -9.87 20.45 32.80
C ALA F 178 -10.74 21.05 33.89
N GLU F 179 -10.13 21.80 34.81
CA GLU F 179 -10.90 22.40 35.88
C GLU F 179 -11.85 23.44 35.33
N GLU F 180 -11.36 24.24 34.36
CA GLU F 180 -12.20 25.25 33.72
C GLU F 180 -13.34 24.58 32.97
N ALA F 181 -13.05 23.46 32.31
CA ALA F 181 -14.09 22.73 31.57
C ALA F 181 -15.14 22.14 32.51
N LYS F 182 -14.70 21.64 33.66
CA LYS F 182 -15.68 21.19 34.66
C LYS F 182 -16.52 22.36 35.14
N GLU F 183 -15.90 23.51 35.38
CA GLU F 183 -16.64 24.68 35.81
C GLU F 183 -17.67 25.11 34.79
N TYR F 184 -17.33 25.02 33.51
CA TYR F 184 -18.23 25.50 32.49
C TYR F 184 -19.46 24.60 32.34
N GLY F 185 -19.36 23.36 32.77
CA GLY F 185 -20.42 22.40 32.57
C GLY F 185 -20.18 21.42 31.46
N LEU F 186 -19.01 21.45 30.85
CA LEU F 186 -18.72 20.61 29.69
C LEU F 186 -18.43 19.19 30.12
N ILE F 187 -17.86 19.02 31.30
CA ILE F 187 -17.59 17.71 31.87
C ILE F 187 -18.08 17.70 33.33
N ASP F 188 -18.14 16.50 33.89
CA ASP F 188 -18.65 16.26 35.24
C ASP F 188 -17.56 16.04 36.27
N GLN F 189 -16.50 15.33 35.90
CA GLN F 189 -15.45 15.03 36.86
C GLN F 189 -14.11 15.00 36.15
N ILE F 190 -13.07 15.33 36.90
CA ILE F 190 -11.68 15.17 36.45
C ILE F 190 -11.12 13.94 37.14
N LEU F 191 -10.54 13.03 36.37
CA LEU F 191 -10.00 11.78 36.90
C LEU F 191 -8.48 11.77 36.82
N GLU F 192 -7.82 11.81 37.95
CA GLU F 192 -6.37 11.66 38.02
C GLU F 192 -5.95 10.20 38.07
N ASN F 193 -6.71 9.39 38.80
CA ASN F 193 -6.49 7.96 38.93
C ASN F 193 -7.87 7.35 38.89
N ARG F 194 -8.03 6.10 39.29
CA ARG F 194 -9.39 5.55 39.33
C ARG F 194 -10.15 6.11 40.53
N ALA F 195 -9.79 7.34 40.91
CA ALA F 195 -10.46 8.17 41.90
C ALA F 195 -11.88 7.75 42.24
N SER F 196 -12.87 8.52 41.78
CA SER F 196 -14.25 8.39 42.24
C SER F 196 -14.74 6.95 42.27
N ASP G 18 -14.11 -7.77 10.55
CA ASP G 18 -14.02 -6.31 10.48
C ASP G 18 -15.38 -5.76 10.87
N ILE G 19 -15.41 -4.49 11.29
CA ILE G 19 -16.61 -3.96 11.91
C ILE G 19 -17.77 -3.92 10.92
N TYR G 20 -17.50 -3.51 9.68
CA TYR G 20 -18.54 -3.38 8.66
C TYR G 20 -19.01 -4.76 8.20
N SER G 21 -18.13 -5.75 8.18
CA SER G 21 -18.61 -7.10 7.87
C SER G 21 -19.56 -7.60 8.95
N ARG G 22 -19.24 -7.32 10.23
CA ARG G 22 -20.09 -7.73 11.32
C ARG G 22 -21.46 -7.07 11.21
N LEU G 23 -21.51 -5.79 10.85
CA LEU G 23 -22.80 -5.12 10.80
C LEU G 23 -23.61 -5.52 9.58
N LEU G 24 -22.95 -5.96 8.51
CA LEU G 24 -23.64 -6.52 7.36
C LEU G 24 -24.45 -7.73 7.78
N LYS G 25 -23.95 -8.46 8.79
CA LYS G 25 -24.65 -9.61 9.36
C LYS G 25 -25.97 -9.20 10.02
N GLU G 26 -26.05 -7.95 10.49
CA GLU G 26 -27.29 -7.37 10.98
C GLU G 26 -28.08 -6.70 9.83
N ARG G 27 -27.67 -6.93 8.58
CA ARG G 27 -28.35 -6.37 7.41
C ARG G 27 -28.22 -4.84 7.34
N ILE G 28 -27.12 -4.30 7.89
CA ILE G 28 -26.81 -2.87 7.78
C ILE G 28 -25.79 -2.64 6.67
N VAL G 29 -26.10 -1.70 5.76
CA VAL G 29 -25.24 -1.29 4.66
C VAL G 29 -25.02 0.21 4.75
N PHE G 30 -23.77 0.66 4.65
CA PHE G 30 -23.41 2.08 4.70
C PHE G 30 -23.05 2.67 3.32
N LEU G 31 -23.45 3.94 3.10
CA LEU G 31 -22.94 4.79 2.04
C LEU G 31 -22.30 5.99 2.75
N VAL G 32 -20.98 6.08 2.65
CA VAL G 32 -20.21 7.07 3.36
C VAL G 32 -19.29 7.77 2.36
N GLY G 33 -19.37 9.07 2.33
CA GLY G 33 -18.49 9.86 1.53
C GLY G 33 -19.00 9.88 0.11
N PRO G 34 -18.19 10.36 -0.82
CA PRO G 34 -18.66 10.51 -2.20
C PRO G 34 -19.14 9.25 -2.87
N VAL G 35 -20.16 9.42 -3.70
CA VAL G 35 -20.69 8.35 -4.55
C VAL G 35 -19.84 8.26 -5.83
N THR G 36 -19.09 7.17 -5.95
CA THR G 36 -18.28 6.81 -7.10
C THR G 36 -18.76 5.48 -7.66
N ASP G 37 -18.26 5.15 -8.85
CA ASP G 37 -18.54 3.82 -9.41
C ASP G 37 -18.17 2.73 -8.41
N GLU G 38 -17.03 2.88 -7.75
CA GLU G 38 -16.56 1.84 -6.83
C GLU G 38 -17.38 1.81 -5.55
N SER G 39 -17.68 2.98 -4.96
CA SER G 39 -18.42 2.97 -3.70
C SER G 39 -19.86 2.57 -3.94
N ALA G 40 -20.42 3.01 -5.07
CA ALA G 40 -21.78 2.59 -5.40
C ALA G 40 -21.85 1.08 -5.59
N ASN G 41 -20.94 0.53 -6.39
CA ASN G 41 -21.09 -0.88 -6.70
C ASN G 41 -20.87 -1.72 -5.46
N LEU G 42 -20.02 -1.26 -4.54
CA LEU G 42 -19.87 -2.00 -3.28
C LEU G 42 -21.21 -2.07 -2.54
N VAL G 43 -21.98 -0.97 -2.57
CA VAL G 43 -23.32 -0.97 -1.98
C VAL G 43 -24.23 -1.95 -2.73
N VAL G 44 -24.25 -1.85 -4.07
CA VAL G 44 -25.03 -2.79 -4.89
C VAL G 44 -24.73 -4.23 -4.51
N ALA G 45 -23.46 -4.57 -4.38
CA ALA G 45 -23.10 -5.97 -4.09
C ALA G 45 -23.62 -6.43 -2.72
N GLN G 46 -23.53 -5.56 -1.73
CA GLN G 46 -24.03 -5.87 -0.41
C GLN G 46 -25.55 -6.05 -0.43
N LEU G 47 -26.25 -5.21 -1.21
CA LEU G 47 -27.70 -5.37 -1.31
C LEU G 47 -28.07 -6.72 -1.93
N LEU G 48 -27.42 -7.08 -3.02
CA LEU G 48 -27.68 -8.36 -3.67
C LEU G 48 -27.32 -9.52 -2.74
N PHE G 49 -26.21 -9.41 -1.99
CA PHE G 49 -25.83 -10.46 -1.02
C PHE G 49 -26.89 -10.61 0.06
N LEU G 50 -27.35 -9.49 0.63
CA LEU G 50 -28.35 -9.57 1.68
C LEU G 50 -29.66 -10.17 1.16
N GLU G 51 -30.04 -9.82 -0.07
CA GLU G 51 -31.23 -10.46 -0.66
C GLU G 51 -31.00 -11.97 -0.85
N SER G 52 -29.81 -12.35 -1.27
CA SER G 52 -29.57 -13.77 -1.47
C SER G 52 -29.66 -14.53 -0.15
N GLU G 53 -29.17 -13.91 0.92
CA GLU G 53 -29.24 -14.57 2.23
C GLU G 53 -30.67 -14.67 2.71
N ASN G 54 -31.47 -13.65 2.48
CA ASN G 54 -32.87 -13.71 2.88
C ASN G 54 -33.62 -12.65 2.09
N PRO G 55 -34.43 -13.06 1.10
CA PRO G 55 -35.07 -12.06 0.23
C PRO G 55 -36.24 -11.34 0.88
N ASP G 56 -36.64 -11.72 2.11
CA ASP G 56 -37.85 -11.15 2.67
C ASP G 56 -37.63 -10.20 3.83
N LYS G 57 -36.43 -10.14 4.38
CA LYS G 57 -36.17 -9.32 5.56
C LYS G 57 -35.64 -7.94 5.17
N ASP G 58 -36.08 -6.94 5.92
CA ASP G 58 -35.70 -5.57 5.62
C ASP G 58 -34.18 -5.44 5.59
N ILE G 59 -33.72 -4.46 4.83
CA ILE G 59 -32.33 -4.03 4.80
C ILE G 59 -32.28 -2.59 5.30
N PHE G 60 -31.21 -2.25 6.05
CA PHE G 60 -31.01 -0.92 6.66
C PHE G 60 -29.81 -0.27 5.99
N PHE G 61 -30.09 0.79 5.23
CA PHE G 61 -29.14 1.49 4.39
C PHE G 61 -28.88 2.84 5.02
N TYR G 62 -27.70 3.00 5.62
CA TYR G 62 -27.35 4.18 6.38
C TYR G 62 -26.52 5.10 5.48
N ILE G 63 -26.95 6.36 5.30
CA ILE G 63 -26.37 7.26 4.30
C ILE G 63 -25.76 8.46 5.02
N ASN G 64 -24.46 8.68 4.80
CA ASN G 64 -23.78 9.92 5.24
C ASN G 64 -22.95 10.35 4.03
N SER G 65 -23.53 11.15 3.13
CA SER G 65 -22.84 11.28 1.87
C SER G 65 -23.11 12.68 1.33
N PRO G 66 -22.11 13.31 0.73
CA PRO G 66 -22.32 14.58 0.03
C PRO G 66 -22.80 14.45 -1.41
N GLY G 67 -22.97 13.23 -1.91
CA GLY G 67 -23.35 13.01 -3.27
C GLY G 67 -22.19 12.51 -4.10
N GLY G 68 -22.28 12.72 -5.41
CA GLY G 68 -21.29 12.27 -6.37
C GLY G 68 -21.91 11.93 -7.73
N SER G 69 -21.39 10.86 -8.32
CA SER G 69 -21.75 10.51 -9.69
C SER G 69 -23.21 10.10 -9.81
N VAL G 70 -23.88 10.69 -10.80
CA VAL G 70 -25.28 10.41 -11.03
C VAL G 70 -25.49 8.97 -11.49
N THR G 71 -24.71 8.52 -12.47
CA THR G 71 -24.94 7.15 -12.93
C THR G 71 -24.58 6.14 -11.83
N ALA G 72 -23.50 6.38 -11.05
CA ALA G 72 -23.17 5.46 -9.98
C ALA G 72 -24.30 5.38 -8.97
N GLY G 73 -24.88 6.53 -8.63
CA GLY G 73 -26.02 6.56 -7.76
C GLY G 73 -27.23 5.85 -8.35
N MET G 74 -27.41 5.97 -9.65
CA MET G 74 -28.56 5.29 -10.24
C MET G 74 -28.41 3.78 -10.14
N SER G 75 -27.16 3.28 -10.12
CA SER G 75 -26.97 1.83 -9.97
C SER G 75 -27.48 1.37 -8.64
N ILE G 76 -27.29 2.17 -7.58
CA ILE G 76 -27.83 1.83 -6.27
C ILE G 76 -29.35 1.91 -6.27
N TYR G 77 -29.89 3.04 -6.72
CA TYR G 77 -31.33 3.29 -6.78
C TYR G 77 -32.07 2.15 -7.46
N ASP G 78 -31.65 1.80 -8.68
CA ASP G 78 -32.34 0.74 -9.39
C ASP G 78 -32.20 -0.62 -8.67
N THR G 79 -31.07 -0.85 -8.01
CA THR G 79 -30.91 -2.08 -7.22
C THR G 79 -31.85 -2.07 -6.01
N MET G 80 -31.95 -0.93 -5.31
CA MET G 80 -32.87 -0.83 -4.19
C MET G 80 -34.28 -1.22 -4.61
N ASN G 81 -34.70 -0.76 -5.77
CA ASN G 81 -36.07 -1.05 -6.26
C ASN G 81 -36.18 -2.44 -6.87
N PHE G 82 -35.09 -2.98 -7.36
CA PHE G 82 -35.15 -4.29 -8.02
C PHE G 82 -35.29 -5.41 -7.00
N ILE G 83 -34.50 -5.38 -5.91
CA ILE G 83 -34.46 -6.56 -5.01
C ILE G 83 -35.74 -6.68 -4.21
N LYS G 84 -36.01 -7.90 -3.74
CA LYS G 84 -37.24 -8.19 -3.02
C LYS G 84 -37.30 -7.51 -1.65
N PRO G 85 -36.21 -7.51 -0.88
CA PRO G 85 -36.25 -6.88 0.46
C PRO G 85 -36.63 -5.41 0.39
N ASP G 86 -37.42 -4.97 1.39
CA ASP G 86 -37.58 -3.53 1.61
C ASP G 86 -36.24 -2.92 2.01
N VAL G 87 -35.87 -1.79 1.41
CA VAL G 87 -34.66 -1.07 1.83
C VAL G 87 -35.07 0.16 2.63
N SER G 88 -34.90 0.10 3.94
CA SER G 88 -35.13 1.23 4.83
C SER G 88 -33.91 2.12 4.77
N THR G 89 -34.13 3.44 4.73
CA THR G 89 -32.99 4.36 4.66
C THR G 89 -32.89 5.21 5.93
N LEU G 90 -31.66 5.56 6.29
CA LEU G 90 -31.43 6.39 7.48
C LEU G 90 -30.35 7.41 7.15
N CYS G 91 -30.66 8.71 7.30
CA CYS G 91 -29.67 9.77 7.17
C CYS G 91 -29.00 10.04 8.50
N LEU G 92 -27.68 9.89 8.55
CA LEU G 92 -26.88 10.32 9.69
C LEU G 92 -25.79 11.25 9.19
N GLY G 93 -25.62 12.38 9.88
CA GLY G 93 -24.70 13.40 9.41
C GLY G 93 -25.30 14.23 8.28
N GLN G 94 -25.21 13.72 7.06
CA GLN G 94 -25.82 14.46 5.95
C GLN G 94 -26.14 13.54 4.79
N ALA G 95 -27.11 13.98 3.99
CA ALA G 95 -27.43 13.36 2.73
C ALA G 95 -27.71 14.49 1.75
N ALA G 96 -26.74 14.75 0.89
CA ALA G 96 -26.76 15.84 -0.07
C ALA G 96 -26.73 15.28 -1.49
N SER G 97 -27.44 15.97 -2.39
CA SER G 97 -27.45 15.61 -3.81
C SER G 97 -27.81 14.14 -3.96
N MET G 98 -26.96 13.36 -4.60
CA MET G 98 -27.31 11.96 -4.80
C MET G 98 -27.52 11.25 -3.46
N GLY G 99 -26.84 11.69 -2.38
CA GLY G 99 -27.16 11.13 -1.06
C GLY G 99 -28.61 11.34 -0.65
N ALA G 100 -29.14 12.54 -0.90
CA ALA G 100 -30.51 12.87 -0.60
C ALA G 100 -31.49 12.13 -1.51
N PHE G 101 -31.13 11.97 -2.79
CA PHE G 101 -31.95 11.18 -3.73
C PHE G 101 -32.13 9.76 -3.21
N LEU G 102 -31.04 9.13 -2.80
CA LEU G 102 -31.09 7.76 -2.31
C LEU G 102 -31.82 7.67 -1.00
N LEU G 103 -31.62 8.64 -0.10
CA LEU G 103 -32.39 8.66 1.14
C LEU G 103 -33.89 8.66 0.84
N SER G 104 -34.33 9.50 -0.11
CA SER G 104 -35.74 9.59 -0.41
C SER G 104 -36.25 8.38 -1.13
N ALA G 105 -35.36 7.53 -1.62
CA ALA G 105 -35.74 6.35 -2.37
C ALA G 105 -36.04 5.15 -1.50
N GLY G 106 -35.80 5.24 -0.19
CA GLY G 106 -36.07 4.15 0.72
C GLY G 106 -37.54 3.80 0.67
N GLU G 107 -37.84 2.56 1.06
CA GLU G 107 -39.22 2.10 1.06
C GLU G 107 -40.11 3.07 1.80
N LYS G 108 -41.23 3.48 1.16
CA LYS G 108 -42.08 4.48 1.82
C LYS G 108 -42.60 4.00 3.18
N GLY G 109 -42.53 4.91 4.15
CA GLY G 109 -42.80 4.55 5.52
C GLY G 109 -41.58 4.12 6.31
N LYS G 110 -40.45 3.82 5.65
CA LYS G 110 -39.24 3.38 6.35
C LYS G 110 -38.02 4.25 6.03
N ARG G 111 -38.24 5.52 5.69
CA ARG G 111 -37.19 6.49 5.41
C ARG G 111 -37.03 7.38 6.65
N PHE G 112 -35.82 7.44 7.20
CA PHE G 112 -35.60 8.08 8.47
C PHE G 112 -34.40 9.02 8.44
N ALA G 113 -34.39 9.93 9.42
CA ALA G 113 -33.22 10.74 9.70
C ALA G 113 -33.06 10.88 11.20
N LEU G 114 -31.82 10.98 11.64
CA LEU G 114 -31.51 11.33 13.00
C LEU G 114 -31.67 12.84 13.18
N PRO G 115 -31.88 13.29 14.41
CA PRO G 115 -32.43 14.64 14.61
C PRO G 115 -31.58 15.78 14.11
N ASN G 116 -30.26 15.67 14.07
CA ASN G 116 -29.42 16.78 13.64
C ASN G 116 -28.77 16.52 12.29
N SER G 117 -29.33 15.58 11.54
CA SER G 117 -29.01 15.36 10.16
C SER G 117 -29.37 16.59 9.34
N ARG G 118 -28.70 16.73 8.22
CA ARG G 118 -29.14 17.72 7.25
C ARG G 118 -29.19 17.13 5.85
N ILE G 119 -30.18 17.59 5.12
CA ILE G 119 -30.41 17.19 3.75
C ILE G 119 -30.13 18.40 2.88
N MET G 120 -29.68 18.10 1.68
CA MET G 120 -29.57 19.15 0.66
C MET G 120 -29.84 18.58 -0.71
N ILE G 121 -30.63 19.33 -1.51
CA ILE G 121 -31.02 18.95 -2.85
C ILE G 121 -30.66 20.12 -3.79
N HIS G 122 -30.28 19.77 -5.01
CA HIS G 122 -29.86 20.76 -6.01
C HIS G 122 -29.86 20.13 -7.39
N GLN G 123 -29.72 20.96 -8.38
CA GLN G 123 -29.71 20.44 -9.72
C GLN G 123 -28.33 19.86 -10.07
N PRO G 124 -28.26 19.08 -11.15
CA PRO G 124 -27.00 18.42 -11.53
C PRO G 124 -25.91 19.44 -11.76
N LEU G 125 -24.68 18.99 -11.51
CA LEU G 125 -23.50 19.83 -11.62
C LEU G 125 -22.45 19.11 -12.45
N ILE G 126 -21.65 19.88 -13.18
CA ILE G 126 -20.39 19.37 -13.70
C ILE G 126 -19.33 20.45 -13.38
N GLY G 132 -15.15 20.34 -26.37
CA GLY G 132 -15.01 19.77 -27.70
C GLY G 132 -15.67 20.63 -28.76
N GLN G 133 -16.10 20.00 -29.85
CA GLN G 133 -16.82 20.71 -30.89
C GLN G 133 -18.20 21.13 -30.41
N ALA G 134 -18.73 22.19 -31.02
CA ALA G 134 -20.07 22.66 -30.63
C ALA G 134 -21.11 21.55 -30.78
N SER G 135 -20.98 20.72 -31.81
CA SER G 135 -21.94 19.63 -32.00
C SER G 135 -21.94 18.71 -30.79
N ASP G 136 -20.77 18.42 -30.24
CA ASP G 136 -20.68 17.51 -29.11
C ASP G 136 -21.16 18.15 -27.83
N ILE G 137 -20.80 19.43 -27.61
CA ILE G 137 -21.31 20.15 -26.45
C ILE G 137 -22.83 20.17 -26.45
N GLU G 138 -23.43 20.31 -27.63
CA GLU G 138 -24.89 20.31 -27.72
C GLU G 138 -25.45 18.97 -27.23
N ILE G 139 -24.85 17.87 -27.71
CA ILE G 139 -25.32 16.54 -27.34
C ILE G 139 -25.23 16.34 -25.84
N HIS G 140 -24.13 16.76 -25.22
CA HIS G 140 -23.95 16.53 -23.80
C HIS G 140 -24.79 17.46 -22.95
N ALA G 141 -24.99 18.71 -23.39
CA ALA G 141 -25.87 19.59 -22.65
C ALA G 141 -27.30 19.07 -22.68
N ARG G 142 -27.72 18.55 -23.82
CA ARG G 142 -29.05 17.98 -23.94
C ARG G 142 -29.19 16.81 -22.98
N GLU G 143 -28.17 15.94 -22.93
CA GLU G 143 -28.20 14.79 -22.02
C GLU G 143 -28.25 15.25 -20.58
N LEU G 144 -27.53 16.33 -20.26
CA LEU G 144 -27.55 16.82 -18.89
C LEU G 144 -28.93 17.33 -18.50
N LEU G 145 -29.60 18.02 -19.43
CA LEU G 145 -30.94 18.52 -19.14
C LEU G 145 -31.97 17.40 -19.05
N LYS G 146 -31.80 16.33 -19.83
CA LYS G 146 -32.64 15.14 -19.67
C LYS G 146 -32.46 14.51 -18.30
N ILE G 147 -31.23 14.37 -17.86
CA ILE G 147 -30.94 13.87 -16.52
C ILE G 147 -31.60 14.74 -15.46
N LYS G 148 -31.48 16.08 -15.60
CA LYS G 148 -32.06 17.00 -14.63
C LYS G 148 -33.58 16.80 -14.50
N GLU G 149 -34.26 16.65 -15.61
CA GLU G 149 -35.70 16.48 -15.53
C GLU G 149 -36.06 15.12 -14.93
N LYS G 150 -35.36 14.05 -15.34
CA LYS G 150 -35.67 12.71 -14.83
C LYS G 150 -35.49 12.66 -13.32
N LEU G 151 -34.39 13.19 -12.82
CA LEU G 151 -34.21 13.20 -11.39
C LEU G 151 -35.27 14.06 -10.67
N ASN G 152 -35.69 15.16 -11.27
CA ASN G 152 -36.74 15.96 -10.63
C ASN G 152 -38.07 15.20 -10.62
N ARG G 153 -38.37 14.49 -11.70
CA ARG G 153 -39.61 13.71 -11.77
C ARG G 153 -39.61 12.58 -10.74
N LEU G 154 -38.46 11.89 -10.61
CA LEU G 154 -38.30 10.81 -9.65
C LEU G 154 -38.35 11.32 -8.23
N MET G 155 -37.65 12.43 -7.92
CA MET G 155 -37.73 13.00 -6.58
C MET G 155 -39.15 13.44 -6.26
N ALA G 156 -39.84 14.04 -7.24
CA ALA G 156 -41.24 14.41 -7.02
C ALA G 156 -42.05 13.19 -6.62
N LYS G 157 -41.82 12.07 -7.29
CA LYS G 157 -42.54 10.84 -6.96
C LYS G 157 -42.22 10.37 -5.56
N HIS G 158 -40.94 10.35 -5.20
CA HIS G 158 -40.59 9.97 -3.84
C HIS G 158 -41.23 10.88 -2.81
N CYS G 159 -41.28 12.19 -3.10
CA CYS G 159 -41.73 13.16 -2.12
C CYS G 159 -43.23 13.41 -2.20
N ASP G 160 -43.93 12.78 -3.14
CA ASP G 160 -45.34 13.07 -3.38
C ASP G 160 -45.53 14.57 -3.58
N ARG G 161 -44.72 15.11 -4.48
CA ARG G 161 -44.70 16.51 -4.86
C ARG G 161 -44.71 16.57 -6.38
N ASP G 162 -44.86 17.78 -6.91
CA ASP G 162 -44.85 18.05 -8.33
C ASP G 162 -43.46 18.30 -8.88
N LEU G 163 -43.27 17.92 -10.14
CA LEU G 163 -42.03 18.20 -10.85
C LEU G 163 -41.70 19.69 -10.77
N ALA G 164 -42.72 20.55 -10.89
CA ALA G 164 -42.49 21.99 -10.87
C ALA G 164 -42.02 22.47 -9.50
N ASP G 165 -42.47 21.81 -8.42
CA ASP G 165 -41.94 22.16 -7.10
C ASP G 165 -40.45 21.84 -7.03
N LEU G 166 -40.08 20.64 -7.51
CA LEU G 166 -38.69 20.19 -7.45
C LEU G 166 -37.79 21.03 -8.35
N GLU G 167 -38.26 21.44 -9.52
CA GLU G 167 -37.48 22.37 -10.35
C GLU G 167 -37.23 23.67 -9.61
N ARG G 168 -38.30 24.23 -9.04
CA ARG G 168 -38.24 25.41 -8.18
C ARG G 168 -37.20 25.28 -7.07
N ASP G 169 -37.28 24.23 -6.33
CA ASP G 169 -36.61 24.07 -5.06
C ASP G 169 -35.22 23.49 -5.19
N THR G 170 -34.79 23.11 -6.39
CA THR G 170 -33.44 22.61 -6.58
C THR G 170 -32.61 23.50 -7.48
N ASP G 171 -33.12 24.67 -7.85
CA ASP G 171 -32.38 25.51 -8.80
C ASP G 171 -31.05 25.91 -8.20
N ARG G 172 -31.01 26.14 -6.89
CA ARG G 172 -29.75 26.33 -6.20
C ARG G 172 -29.74 25.44 -4.95
N ASP G 173 -28.59 25.34 -4.31
CA ASP G 173 -28.49 24.47 -3.15
C ASP G 173 -29.60 24.78 -2.15
N ASN G 174 -30.31 23.74 -1.72
CA ASN G 174 -31.45 23.89 -0.86
C ASN G 174 -31.21 23.02 0.36
N PHE G 175 -30.78 23.62 1.46
CA PHE G 175 -30.47 22.89 2.68
C PHE G 175 -31.73 22.74 3.51
N MET G 176 -31.92 21.54 4.07
CA MET G 176 -33.08 21.21 4.88
C MET G 176 -32.68 20.50 6.16
N SER G 177 -33.30 20.91 7.27
CA SER G 177 -33.25 20.19 8.52
C SER G 177 -34.04 18.90 8.39
N ALA G 178 -33.95 18.05 9.41
CA ALA G 178 -34.71 16.82 9.38
C ALA G 178 -36.20 17.12 9.33
N GLU G 179 -36.67 18.07 10.14
CA GLU G 179 -38.08 18.39 10.14
C GLU G 179 -38.52 18.98 8.83
N GLU G 180 -37.69 19.85 8.25
CA GLU G 180 -38.00 20.39 6.93
C GLU G 180 -38.05 19.28 5.89
N ALA G 181 -37.14 18.31 5.99
CA ALA G 181 -37.13 17.20 5.04
C ALA G 181 -38.37 16.32 5.17
N LYS G 182 -38.85 16.15 6.38
CA LYS G 182 -40.05 15.35 6.61
C LYS G 182 -41.25 16.07 6.03
N GLU G 183 -41.36 17.37 6.29
CA GLU G 183 -42.48 18.13 5.73
C GLU G 183 -42.44 18.11 4.21
N TYR G 184 -41.26 18.12 3.64
CA TYR G 184 -41.14 18.14 2.18
C TYR G 184 -41.52 16.81 1.59
N GLY G 185 -41.41 15.72 2.35
CA GLY G 185 -41.69 14.40 1.84
C GLY G 185 -40.50 13.51 1.53
N LEU G 186 -39.29 13.93 1.88
CA LEU G 186 -38.11 13.17 1.55
C LEU G 186 -37.90 12.02 2.50
N ILE G 187 -38.35 12.17 3.75
CA ILE G 187 -38.32 11.14 4.78
C ILE G 187 -39.70 11.04 5.44
N ASP G 188 -39.89 9.96 6.18
CA ASP G 188 -41.15 9.69 6.86
C ASP G 188 -41.11 10.07 8.32
N GLN G 189 -40.00 9.81 9.01
CA GLN G 189 -39.94 10.05 10.45
C GLN G 189 -38.53 10.46 10.86
N ILE G 190 -38.47 11.27 11.91
CA ILE G 190 -37.21 11.60 12.58
C ILE G 190 -37.12 10.73 13.83
N LEU G 191 -35.99 10.10 14.02
CA LEU G 191 -35.79 9.17 15.12
C LEU G 191 -34.78 9.76 16.09
N GLU G 192 -35.24 10.09 17.30
CA GLU G 192 -34.29 10.46 18.35
C GLU G 192 -33.71 9.22 19.00
N ASN G 193 -34.57 8.23 19.25
CA ASN G 193 -34.20 6.89 19.71
C ASN G 193 -35.27 5.94 19.16
N ARG G 194 -35.30 4.71 19.66
CA ARG G 194 -36.21 3.73 19.12
C ARG G 194 -37.67 4.05 19.41
N ALA G 195 -37.97 4.91 20.38
CA ALA G 195 -39.35 5.39 20.49
C ALA G 195 -39.65 6.16 19.19
N SER G 196 -40.20 5.46 18.21
CA SER G 196 -40.44 6.04 16.91
C SER G 196 -41.11 7.39 17.03
#